data_2D46
# 
_entry.id   2D46 
# 
_audit_conform.dict_name       mmcif_pdbx.dic 
_audit_conform.dict_version    5.392 
_audit_conform.dict_location   http://mmcif.pdb.org/dictionaries/ascii/mmcif_pdbx.dic 
# 
loop_
_database_2.database_id 
_database_2.database_code 
_database_2.pdbx_database_accession 
_database_2.pdbx_DOI 
PDB   2D46         pdb_00002d46 10.2210/pdb2d46/pdb 
RCSB  RCSB024965   ?            ?                   
WWPDB D_1000024965 ?            ?                   
# 
loop_
_pdbx_audit_revision_history.ordinal 
_pdbx_audit_revision_history.data_content_type 
_pdbx_audit_revision_history.major_revision 
_pdbx_audit_revision_history.minor_revision 
_pdbx_audit_revision_history.revision_date 
1 'Structure model' 1 0 2005-10-25 
2 'Structure model' 1 1 2008-04-30 
3 'Structure model' 1 2 2011-07-13 
4 'Structure model' 1 3 2022-03-09 
5 'Structure model' 1 4 2024-05-29 
# 
_pdbx_audit_revision_details.ordinal             1 
_pdbx_audit_revision_details.revision_ordinal    1 
_pdbx_audit_revision_details.data_content_type   'Structure model' 
_pdbx_audit_revision_details.provider            repository 
_pdbx_audit_revision_details.type                'Initial release' 
_pdbx_audit_revision_details.description         ? 
_pdbx_audit_revision_details.details             ? 
# 
loop_
_pdbx_audit_revision_group.ordinal 
_pdbx_audit_revision_group.revision_ordinal 
_pdbx_audit_revision_group.data_content_type 
_pdbx_audit_revision_group.group 
1 2 'Structure model' 'Version format compliance' 
2 3 'Structure model' 'Version format compliance' 
3 4 'Structure model' 'Database references'       
4 4 'Structure model' 'Derived calculations'      
5 5 'Structure model' 'Data collection'           
# 
loop_
_pdbx_audit_revision_category.ordinal 
_pdbx_audit_revision_category.revision_ordinal 
_pdbx_audit_revision_category.data_content_type 
_pdbx_audit_revision_category.category 
1 4 'Structure model' database_2            
2 4 'Structure model' pdbx_struct_assembly  
3 4 'Structure model' pdbx_struct_oper_list 
4 4 'Structure model' struct_ref_seq_dif    
5 5 'Structure model' chem_comp_atom        
6 5 'Structure model' chem_comp_bond        
# 
loop_
_pdbx_audit_revision_item.ordinal 
_pdbx_audit_revision_item.revision_ordinal 
_pdbx_audit_revision_item.data_content_type 
_pdbx_audit_revision_item.item 
1 4 'Structure model' '_database_2.pdbx_DOI'                
2 4 'Structure model' '_database_2.pdbx_database_accession' 
3 4 'Structure model' '_struct_ref_seq_dif.details'         
# 
_pdbx_database_status.status_code                     REL 
_pdbx_database_status.entry_id                        2D46 
_pdbx_database_status.recvd_initial_deposition_date   2005-10-10 
_pdbx_database_status.deposit_site                    PDBJ 
_pdbx_database_status.process_site                    PDBJ 
_pdbx_database_status.status_code_sf                  ? 
_pdbx_database_status.status_code_mr                  ? 
_pdbx_database_status.SG_entry                        ? 
_pdbx_database_status.pdb_format_compatible           Y 
_pdbx_database_status.status_code_cs                  ? 
_pdbx_database_status.status_code_nmr_data            ? 
_pdbx_database_status.methods_development_category    ? 
# 
loop_
_audit_author.name 
_audit_author.pdbx_ordinal 
'Vendel, A.C.'  1 
'Rithner, C.D.' 2 
'Lyons, B.A.'   3 
'Horne, W.A.'   4 
# 
_citation.id                        primary 
_citation.title                     
'Solution structure of the N-terminal A domain of the human voltage-gated Ca2+channel beta4a subunit' 
_citation.journal_abbrev            'Protein Sci.' 
_citation.journal_volume            15 
_citation.page_first                378 
_citation.page_last                 383 
_citation.year                      2006 
_citation.journal_id_ASTM           PRCIEI 
_citation.country                   US 
_citation.journal_id_ISSN           0961-8368 
_citation.journal_id_CSD            0795 
_citation.book_publisher            ? 
_citation.pdbx_database_id_PubMed   16385006 
_citation.pdbx_database_id_DOI      10.1110/ps.051894506 
# 
loop_
_citation_author.citation_id 
_citation_author.name 
_citation_author.ordinal 
_citation_author.identifier_ORCID 
primary 'Vendel, A.C.'  1 ? 
primary 'Rithner, C.D.' 2 ? 
primary 'Lyons, B.A.'   3 ? 
primary 'Horne, W.A.'   4 ? 
# 
_entity.id                         1 
_entity.type                       polymer 
_entity.src_method                 man 
_entity.pdbx_description           'calcium channel, voltage-dependent, beta 4 subunit isoform a' 
_entity.formula_weight             6877.298 
_entity.pdbx_number_of_molecules   1 
_entity.pdbx_ec                    ? 
_entity.pdbx_mutation              ? 
_entity.pdbx_fragment              'N-terminal A domain' 
_entity.details                    ? 
# 
_entity_name_com.entity_id   1 
_entity_name_com.name        'calcium channel beta4a subunit' 
# 
_entity_poly.entity_id                      1 
_entity_poly.type                           'polypeptide(L)' 
_entity_poly.nstd_linkage                   no 
_entity_poly.nstd_monomer                   no 
_entity_poly.pdbx_seq_one_letter_code       GSHMYDNLYLHGIEDSEAGSADSYTSRPSDSDVSLEEDREAIRQEREQQAAIQLERAKSKP 
_entity_poly.pdbx_seq_one_letter_code_can   GSHMYDNLYLHGIEDSEAGSADSYTSRPSDSDVSLEEDREAIRQEREQQAAIQLERAKSKP 
_entity_poly.pdbx_strand_id                 A 
_entity_poly.pdbx_target_identifier         ? 
# 
loop_
_entity_poly_seq.entity_id 
_entity_poly_seq.num 
_entity_poly_seq.mon_id 
_entity_poly_seq.hetero 
1 1  GLY n 
1 2  SER n 
1 3  HIS n 
1 4  MET n 
1 5  TYR n 
1 6  ASP n 
1 7  ASN n 
1 8  LEU n 
1 9  TYR n 
1 10 LEU n 
1 11 HIS n 
1 12 GLY n 
1 13 ILE n 
1 14 GLU n 
1 15 ASP n 
1 16 SER n 
1 17 GLU n 
1 18 ALA n 
1 19 GLY n 
1 20 SER n 
1 21 ALA n 
1 22 ASP n 
1 23 SER n 
1 24 TYR n 
1 25 THR n 
1 26 SER n 
1 27 ARG n 
1 28 PRO n 
1 29 SER n 
1 30 ASP n 
1 31 SER n 
1 32 ASP n 
1 33 VAL n 
1 34 SER n 
1 35 LEU n 
1 36 GLU n 
1 37 GLU n 
1 38 ASP n 
1 39 ARG n 
1 40 GLU n 
1 41 ALA n 
1 42 ILE n 
1 43 ARG n 
1 44 GLN n 
1 45 GLU n 
1 46 ARG n 
1 47 GLU n 
1 48 GLN n 
1 49 GLN n 
1 50 ALA n 
1 51 ALA n 
1 52 ILE n 
1 53 GLN n 
1 54 LEU n 
1 55 GLU n 
1 56 ARG n 
1 57 ALA n 
1 58 LYS n 
1 59 SER n 
1 60 LYS n 
1 61 PRO n 
# 
_entity_src_gen.entity_id                          1 
_entity_src_gen.pdbx_src_id                        1 
_entity_src_gen.pdbx_alt_source_flag               sample 
_entity_src_gen.pdbx_seq_type                      ? 
_entity_src_gen.pdbx_beg_seq_num                   ? 
_entity_src_gen.pdbx_end_seq_num                   ? 
_entity_src_gen.gene_src_common_name               human 
_entity_src_gen.gene_src_genus                     Homo 
_entity_src_gen.pdbx_gene_src_gene                 CACNB4 
_entity_src_gen.gene_src_species                   ? 
_entity_src_gen.gene_src_strain                    ? 
_entity_src_gen.gene_src_tissue                    'human cerebellum, presynaptic' 
_entity_src_gen.gene_src_tissue_fraction           ? 
_entity_src_gen.gene_src_details                   ? 
_entity_src_gen.pdbx_gene_src_fragment             ? 
_entity_src_gen.pdbx_gene_src_scientific_name      'Homo sapiens' 
_entity_src_gen.pdbx_gene_src_ncbi_taxonomy_id     9606 
_entity_src_gen.pdbx_gene_src_variant              ? 
_entity_src_gen.pdbx_gene_src_cell_line            ? 
_entity_src_gen.pdbx_gene_src_atcc                 ? 
_entity_src_gen.pdbx_gene_src_organ                ? 
_entity_src_gen.pdbx_gene_src_organelle            ? 
_entity_src_gen.pdbx_gene_src_cell                 ? 
_entity_src_gen.pdbx_gene_src_cellular_location    ? 
_entity_src_gen.host_org_common_name               ? 
_entity_src_gen.pdbx_host_org_scientific_name      'Escherichia coli' 
_entity_src_gen.pdbx_host_org_ncbi_taxonomy_id     562 
_entity_src_gen.host_org_genus                     Escherichia 
_entity_src_gen.pdbx_host_org_gene                 ? 
_entity_src_gen.pdbx_host_org_organ                ? 
_entity_src_gen.host_org_species                   ? 
_entity_src_gen.pdbx_host_org_tissue               ? 
_entity_src_gen.pdbx_host_org_tissue_fraction      ? 
_entity_src_gen.pdbx_host_org_strain               'BL21-CodonPlus(DE3)-RIL' 
_entity_src_gen.pdbx_host_org_variant              ? 
_entity_src_gen.pdbx_host_org_cell_line            ? 
_entity_src_gen.pdbx_host_org_atcc                 ? 
_entity_src_gen.pdbx_host_org_culture_collection   ? 
_entity_src_gen.pdbx_host_org_cell                 ? 
_entity_src_gen.pdbx_host_org_organelle            ? 
_entity_src_gen.pdbx_host_org_cellular_location    ? 
_entity_src_gen.pdbx_host_org_vector_type          pET-15b 
_entity_src_gen.pdbx_host_org_vector               ? 
_entity_src_gen.host_org_details                   ? 
_entity_src_gen.expression_system_id               ? 
_entity_src_gen.plasmid_name                       pET-15b:b4a-A 
_entity_src_gen.plasmid_details                    ? 
_entity_src_gen.pdbx_description                   ? 
# 
loop_
_chem_comp.id 
_chem_comp.type 
_chem_comp.mon_nstd_flag 
_chem_comp.name 
_chem_comp.pdbx_synonyms 
_chem_comp.formula 
_chem_comp.formula_weight 
ALA 'L-peptide linking' y ALANINE         ? 'C3 H7 N O2'     89.093  
ARG 'L-peptide linking' y ARGININE        ? 'C6 H15 N4 O2 1' 175.209 
ASN 'L-peptide linking' y ASPARAGINE      ? 'C4 H8 N2 O3'    132.118 
ASP 'L-peptide linking' y 'ASPARTIC ACID' ? 'C4 H7 N O4'     133.103 
GLN 'L-peptide linking' y GLUTAMINE       ? 'C5 H10 N2 O3'   146.144 
GLU 'L-peptide linking' y 'GLUTAMIC ACID' ? 'C5 H9 N O4'     147.129 
GLY 'peptide linking'   y GLYCINE         ? 'C2 H5 N O2'     75.067  
HIS 'L-peptide linking' y HISTIDINE       ? 'C6 H10 N3 O2 1' 156.162 
ILE 'L-peptide linking' y ISOLEUCINE      ? 'C6 H13 N O2'    131.173 
LEU 'L-peptide linking' y LEUCINE         ? 'C6 H13 N O2'    131.173 
LYS 'L-peptide linking' y LYSINE          ? 'C6 H15 N2 O2 1' 147.195 
MET 'L-peptide linking' y METHIONINE      ? 'C5 H11 N O2 S'  149.211 
PRO 'L-peptide linking' y PROLINE         ? 'C5 H9 N O2'     115.130 
SER 'L-peptide linking' y SERINE          ? 'C3 H7 N O3'     105.093 
THR 'L-peptide linking' y THREONINE       ? 'C4 H9 N O3'     119.119 
TYR 'L-peptide linking' y TYROSINE        ? 'C9 H11 N O3'    181.189 
VAL 'L-peptide linking' y VALINE          ? 'C5 H11 N O2'    117.146 
# 
loop_
_pdbx_poly_seq_scheme.asym_id 
_pdbx_poly_seq_scheme.entity_id 
_pdbx_poly_seq_scheme.seq_id 
_pdbx_poly_seq_scheme.mon_id 
_pdbx_poly_seq_scheme.ndb_seq_num 
_pdbx_poly_seq_scheme.pdb_seq_num 
_pdbx_poly_seq_scheme.auth_seq_num 
_pdbx_poly_seq_scheme.pdb_mon_id 
_pdbx_poly_seq_scheme.auth_mon_id 
_pdbx_poly_seq_scheme.pdb_strand_id 
_pdbx_poly_seq_scheme.pdb_ins_code 
_pdbx_poly_seq_scheme.hetero 
A 1 1  GLY 1  1  1  GLY GLY A . n 
A 1 2  SER 2  2  2  SER SER A . n 
A 1 3  HIS 3  3  3  HIS HIS A . n 
A 1 4  MET 4  4  4  MET MET A . n 
A 1 5  TYR 5  5  5  TYR TYR A . n 
A 1 6  ASP 6  6  6  ASP ASP A . n 
A 1 7  ASN 7  7  7  ASN ASN A . n 
A 1 8  LEU 8  8  8  LEU LEU A . n 
A 1 9  TYR 9  9  9  TYR TYR A . n 
A 1 10 LEU 10 10 10 LEU LEU A . n 
A 1 11 HIS 11 11 11 HIS HIS A . n 
A 1 12 GLY 12 12 12 GLY GLY A . n 
A 1 13 ILE 13 13 13 ILE ILE A . n 
A 1 14 GLU 14 14 14 GLU GLU A . n 
A 1 15 ASP 15 15 15 ASP ASP A . n 
A 1 16 SER 16 16 16 SER SER A . n 
A 1 17 GLU 17 17 17 GLU GLU A . n 
A 1 18 ALA 18 18 18 ALA ALA A . n 
A 1 19 GLY 19 19 19 GLY GLY A . n 
A 1 20 SER 20 20 20 SER SER A . n 
A 1 21 ALA 21 21 21 ALA ALA A . n 
A 1 22 ASP 22 22 22 ASP ASP A . n 
A 1 23 SER 23 23 23 SER SER A . n 
A 1 24 TYR 24 24 24 TYR TYR A . n 
A 1 25 THR 25 25 25 THR THR A . n 
A 1 26 SER 26 26 26 SER SER A . n 
A 1 27 ARG 27 27 27 ARG ARG A . n 
A 1 28 PRO 28 28 28 PRO PRO A . n 
A 1 29 SER 29 29 29 SER SER A . n 
A 1 30 ASP 30 30 30 ASP ASP A . n 
A 1 31 SER 31 31 31 SER SER A . n 
A 1 32 ASP 32 32 32 ASP ASP A . n 
A 1 33 VAL 33 33 33 VAL VAL A . n 
A 1 34 SER 34 34 34 SER SER A . n 
A 1 35 LEU 35 35 35 LEU LEU A . n 
A 1 36 GLU 36 36 36 GLU GLU A . n 
A 1 37 GLU 37 37 37 GLU GLU A . n 
A 1 38 ASP 38 38 38 ASP ASP A . n 
A 1 39 ARG 39 39 39 ARG ARG A . n 
A 1 40 GLU 40 40 40 GLU GLU A . n 
A 1 41 ALA 41 41 41 ALA ALA A . n 
A 1 42 ILE 42 42 42 ILE ILE A . n 
A 1 43 ARG 43 43 43 ARG ARG A . n 
A 1 44 GLN 44 44 44 GLN GLN A . n 
A 1 45 GLU 45 45 45 GLU GLU A . n 
A 1 46 ARG 46 46 46 ARG ARG A . n 
A 1 47 GLU 47 47 47 GLU GLU A . n 
A 1 48 GLN 48 48 48 GLN GLN A . n 
A 1 49 GLN 49 49 49 GLN GLN A . n 
A 1 50 ALA 50 50 50 ALA ALA A . n 
A 1 51 ALA 51 51 51 ALA ALA A . n 
A 1 52 ILE 52 52 52 ILE ILE A . n 
A 1 53 GLN 53 53 53 GLN GLN A . n 
A 1 54 LEU 54 54 54 LEU LEU A . n 
A 1 55 GLU 55 55 55 GLU GLU A . n 
A 1 56 ARG 56 56 56 ARG ARG A . n 
A 1 57 ALA 57 57 57 ALA ALA A . n 
A 1 58 LYS 58 58 58 LYS LYS A . n 
A 1 59 SER 59 59 59 SER SER A . n 
A 1 60 LYS 60 60 60 LYS LYS A . n 
A 1 61 PRO 61 61 61 PRO PRO A . n 
# 
_exptl.entry_id          2D46 
_exptl.method            'SOLUTION NMR' 
_exptl.crystals_number   ? 
# 
_struct.entry_id                  2D46 
_struct.title                     'Solution Structure of the Human Beta4a-A Domain' 
_struct.pdbx_model_details        ? 
_struct.pdbx_CASP_flag            ? 
_struct.pdbx_model_type_details   ? 
# 
_struct_keywords.entry_id        2D46 
_struct_keywords.pdbx_keywords   'METAL TRANSPORT' 
_struct_keywords.text            
'Ca2+ channel, beta4a subunit, alternative spliving, membrane-associated guanylate-kinase, protein structure, METAL TRANSPORT' 
# 
_struct_asym.id                            A 
_struct_asym.pdbx_blank_PDB_chainid_flag   N 
_struct_asym.pdbx_modified                 N 
_struct_asym.entity_id                     1 
_struct_asym.details                       ? 
# 
_struct_ref.id                         1 
_struct_ref.db_name                    UNP 
_struct_ref.db_code                    CACB4_HUMAN 
_struct_ref.pdbx_db_accession          O00305 
_struct_ref.entity_id                  1 
_struct_ref.pdbx_seq_one_letter_code   MYDNLYLHGIEDSEAGSADSYTSRPSDSDVSLEEDREAIRQEREQQAAIQLERAKSKP 
_struct_ref.pdbx_align_begin           1 
_struct_ref.pdbx_db_isoform            ? 
# 
_struct_ref_seq.align_id                      1 
_struct_ref_seq.ref_id                        1 
_struct_ref_seq.pdbx_PDB_id_code              2D46 
_struct_ref_seq.pdbx_strand_id                A 
_struct_ref_seq.seq_align_beg                 4 
_struct_ref_seq.pdbx_seq_align_beg_ins_code   ? 
_struct_ref_seq.seq_align_end                 61 
_struct_ref_seq.pdbx_seq_align_end_ins_code   ? 
_struct_ref_seq.pdbx_db_accession             O00305 
_struct_ref_seq.db_align_beg                  1 
_struct_ref_seq.pdbx_db_align_beg_ins_code    ? 
_struct_ref_seq.db_align_end                  58 
_struct_ref_seq.pdbx_db_align_end_ins_code    ? 
_struct_ref_seq.pdbx_auth_seq_align_beg       4 
_struct_ref_seq.pdbx_auth_seq_align_end       61 
# 
loop_
_struct_ref_seq_dif.align_id 
_struct_ref_seq_dif.pdbx_pdb_id_code 
_struct_ref_seq_dif.mon_id 
_struct_ref_seq_dif.pdbx_pdb_strand_id 
_struct_ref_seq_dif.seq_num 
_struct_ref_seq_dif.pdbx_pdb_ins_code 
_struct_ref_seq_dif.pdbx_seq_db_name 
_struct_ref_seq_dif.pdbx_seq_db_accession_code 
_struct_ref_seq_dif.db_mon_id 
_struct_ref_seq_dif.pdbx_seq_db_seq_num 
_struct_ref_seq_dif.details 
_struct_ref_seq_dif.pdbx_auth_seq_num 
_struct_ref_seq_dif.pdbx_ordinal 
1 2D46 GLY A 1 ? UNP O00305 ? ? 'cloning artifact' 1 1 
1 2D46 SER A 2 ? UNP O00305 ? ? 'cloning artifact' 2 2 
1 2D46 HIS A 3 ? UNP O00305 ? ? 'cloning artifact' 3 3 
# 
_pdbx_struct_assembly.id                   1 
_pdbx_struct_assembly.details              author_defined_assembly 
_pdbx_struct_assembly.method_details       ? 
_pdbx_struct_assembly.oligomeric_details   monomeric 
_pdbx_struct_assembly.oligomeric_count     1 
# 
_pdbx_struct_assembly_gen.assembly_id       1 
_pdbx_struct_assembly_gen.oper_expression   1 
_pdbx_struct_assembly_gen.asym_id_list      A 
# 
_pdbx_struct_oper_list.id                   1 
_pdbx_struct_oper_list.type                 'identity operation' 
_pdbx_struct_oper_list.name                 1_555 
_pdbx_struct_oper_list.symmetry_operation   x,y,z 
_pdbx_struct_oper_list.matrix[1][1]         1.0000000000 
_pdbx_struct_oper_list.matrix[1][2]         0.0000000000 
_pdbx_struct_oper_list.matrix[1][3]         0.0000000000 
_pdbx_struct_oper_list.vector[1]            0.0000000000 
_pdbx_struct_oper_list.matrix[2][1]         0.0000000000 
_pdbx_struct_oper_list.matrix[2][2]         1.0000000000 
_pdbx_struct_oper_list.matrix[2][3]         0.0000000000 
_pdbx_struct_oper_list.vector[2]            0.0000000000 
_pdbx_struct_oper_list.matrix[3][1]         0.0000000000 
_pdbx_struct_oper_list.matrix[3][2]         0.0000000000 
_pdbx_struct_oper_list.matrix[3][3]         1.0000000000 
_pdbx_struct_oper_list.vector[3]            0.0000000000 
# 
_struct_biol.id   1 
# 
loop_
_struct_conf.conf_type_id 
_struct_conf.id 
_struct_conf.pdbx_PDB_helix_id 
_struct_conf.beg_label_comp_id 
_struct_conf.beg_label_asym_id 
_struct_conf.beg_label_seq_id 
_struct_conf.pdbx_beg_PDB_ins_code 
_struct_conf.end_label_comp_id 
_struct_conf.end_label_asym_id 
_struct_conf.end_label_seq_id 
_struct_conf.pdbx_end_PDB_ins_code 
_struct_conf.beg_auth_comp_id 
_struct_conf.beg_auth_asym_id 
_struct_conf.beg_auth_seq_id 
_struct_conf.end_auth_comp_id 
_struct_conf.end_auth_asym_id 
_struct_conf.end_auth_seq_id 
_struct_conf.pdbx_PDB_helix_class 
_struct_conf.details 
_struct_conf.pdbx_PDB_helix_length 
HELX_P HELX_P1 1 HIS A 3  ? LEU A 10 ? HIS A 3  LEU A 10 5 ? 8  
HELX_P HELX_P2 2 ILE A 42 ? LYS A 58 ? ILE A 42 LYS A 58 1 ? 17 
# 
_struct_conf_type.id          HELX_P 
_struct_conf_type.criteria    ? 
_struct_conf_type.reference   ? 
# 
_struct_sheet.id               A 
_struct_sheet.type             ? 
_struct_sheet.number_strands   2 
_struct_sheet.details          ? 
# 
_struct_sheet_order.sheet_id     A 
_struct_sheet_order.range_id_1   1 
_struct_sheet_order.range_id_2   2 
_struct_sheet_order.offset       ? 
_struct_sheet_order.sense        anti-parallel 
# 
loop_
_struct_sheet_range.sheet_id 
_struct_sheet_range.id 
_struct_sheet_range.beg_label_comp_id 
_struct_sheet_range.beg_label_asym_id 
_struct_sheet_range.beg_label_seq_id 
_struct_sheet_range.pdbx_beg_PDB_ins_code 
_struct_sheet_range.end_label_comp_id 
_struct_sheet_range.end_label_asym_id 
_struct_sheet_range.end_label_seq_id 
_struct_sheet_range.pdbx_end_PDB_ins_code 
_struct_sheet_range.beg_auth_comp_id 
_struct_sheet_range.beg_auth_asym_id 
_struct_sheet_range.beg_auth_seq_id 
_struct_sheet_range.end_auth_comp_id 
_struct_sheet_range.end_auth_asym_id 
_struct_sheet_range.end_auth_seq_id 
A 1 ASP A 22 ? THR A 25 ? ASP A 22 THR A 25 
A 2 ASP A 30 ? VAL A 33 ? ASP A 30 VAL A 33 
# 
_pdbx_struct_sheet_hbond.sheet_id                A 
_pdbx_struct_sheet_hbond.range_id_1              1 
_pdbx_struct_sheet_hbond.range_id_2              2 
_pdbx_struct_sheet_hbond.range_1_label_atom_id   O 
_pdbx_struct_sheet_hbond.range_1_label_comp_id   ASP 
_pdbx_struct_sheet_hbond.range_1_label_asym_id   A 
_pdbx_struct_sheet_hbond.range_1_label_seq_id    22 
_pdbx_struct_sheet_hbond.range_1_PDB_ins_code    ? 
_pdbx_struct_sheet_hbond.range_1_auth_atom_id    O 
_pdbx_struct_sheet_hbond.range_1_auth_comp_id    ASP 
_pdbx_struct_sheet_hbond.range_1_auth_asym_id    A 
_pdbx_struct_sheet_hbond.range_1_auth_seq_id     22 
_pdbx_struct_sheet_hbond.range_2_label_atom_id   N 
_pdbx_struct_sheet_hbond.range_2_label_comp_id   VAL 
_pdbx_struct_sheet_hbond.range_2_label_asym_id   A 
_pdbx_struct_sheet_hbond.range_2_label_seq_id    33 
_pdbx_struct_sheet_hbond.range_2_PDB_ins_code    ? 
_pdbx_struct_sheet_hbond.range_2_auth_atom_id    N 
_pdbx_struct_sheet_hbond.range_2_auth_comp_id    VAL 
_pdbx_struct_sheet_hbond.range_2_auth_asym_id    A 
_pdbx_struct_sheet_hbond.range_2_auth_seq_id     33 
# 
loop_
_pdbx_validate_torsion.id 
_pdbx_validate_torsion.PDB_model_num 
_pdbx_validate_torsion.auth_comp_id 
_pdbx_validate_torsion.auth_asym_id 
_pdbx_validate_torsion.auth_seq_id 
_pdbx_validate_torsion.PDB_ins_code 
_pdbx_validate_torsion.label_alt_id 
_pdbx_validate_torsion.phi 
_pdbx_validate_torsion.psi 
1  1 SER A 2  ? ? -107.73 42.23   
2  1 MET A 4  ? ? -71.86  34.77   
3  1 LEU A 10 ? ? -21.22  90.94   
4  1 ILE A 13 ? ? -159.73 72.09   
5  1 ASP A 15 ? ? -169.78 64.97   
6  1 SER A 16 ? ? 66.25   -106.37 
7  1 ALA A 18 ? ? -83.90  -77.07  
8  1 ALA A 21 ? ? 5.89    67.92   
9  1 ARG A 27 ? ? -161.85 -46.73  
10 1 SER A 29 ? ? -168.28 -131.06 
11 1 SER A 34 ? ? -63.86  69.17   
12 1 GLU A 37 ? ? -66.48  15.95   
13 1 LYS A 60 ? ? -103.83 66.16   
# 
loop_
_pdbx_database_remark.id 
_pdbx_database_remark.text 
650 
;HELIX
Determination method: Author determined
;
700 
;SHEET
Determination method: Author determined
;
# 
_pdbx_nmr_ensemble.entry_id                                      2D46 
_pdbx_nmr_ensemble.conformers_calculated_total_number            15 
_pdbx_nmr_ensemble.conformers_submitted_total_number             1 
_pdbx_nmr_ensemble.conformer_selection_criteria                  'structures with the lowest energy' 
_pdbx_nmr_ensemble.average_constraints_per_residue               ? 
_pdbx_nmr_ensemble.average_constraint_violations_per_residue     ? 
_pdbx_nmr_ensemble.maximum_distance_constraint_violation         ? 
_pdbx_nmr_ensemble.average_distance_constraint_violation         ? 
_pdbx_nmr_ensemble.maximum_upper_distance_constraint_violation   ? 
_pdbx_nmr_ensemble.maximum_lower_distance_constraint_violation   ? 
_pdbx_nmr_ensemble.distance_constraint_violation_method          ? 
_pdbx_nmr_ensemble.maximum_torsion_angle_constraint_violation    ? 
_pdbx_nmr_ensemble.average_torsion_angle_constraint_violation    ? 
_pdbx_nmr_ensemble.torsion_angle_constraint_violation_method     ? 
# 
_pdbx_nmr_representative.entry_id             2D46 
_pdbx_nmr_representative.conformer_id         1 
_pdbx_nmr_representative.selection_criteria   'closest to the average' 
# 
_pdbx_nmr_sample_details.solution_id      1 
_pdbx_nmr_sample_details.contents         
'3mM beta4a A domain, uniformly 15N and 13C labeled; 50mM sodium phosphate, 150mM NaCl, 0.1mM NaN3' 
_pdbx_nmr_sample_details.solvent_system   '90% H2O/10% D2O' 
# 
_pdbx_nmr_exptl_sample_conditions.conditions_id       1 
_pdbx_nmr_exptl_sample_conditions.temperature         277 
_pdbx_nmr_exptl_sample_conditions.pressure            ambient 
_pdbx_nmr_exptl_sample_conditions.pH                  5.5 
_pdbx_nmr_exptl_sample_conditions.ionic_strength      '150mM NaCl' 
_pdbx_nmr_exptl_sample_conditions.pressure_units      . 
_pdbx_nmr_exptl_sample_conditions.temperature_units   K 
# 
loop_
_pdbx_nmr_exptl.experiment_id 
_pdbx_nmr_exptl.conditions_id 
_pdbx_nmr_exptl.type 
_pdbx_nmr_exptl.solution_id 
1 1 3D_15N-separated_NOESY 1 
2 1 3D_13C-separated_NOESY 1 
3 1 HNHA                   1 
4 1 '2D TOCSY'             1 
5 1 '2D NOESY'             1 
# 
_pdbx_nmr_details.entry_id   2D46 
_pdbx_nmr_details.text       'The structure was determined using triple-resonance NMR spectroscopic techniques.' 
# 
_pdbx_nmr_refine.entry_id           2D46 
_pdbx_nmr_refine.method             'simulated annealing' 
_pdbx_nmr_refine.details            
;A total of 1213 structural restraints were used to calculate determine the final 15 representative solution structures of the beta4a A domain.  963 NOE derived distance constraints were utilized in the calculation, of which 472 were intra-residue, 196 sequential, 87 medium-range (4<|i-j|>1) and 208 long-range (|i-j|&#8805;4), providing for an average total of 15.8 NOE constraints/residue.
;
_pdbx_nmr_refine.software_ordinal   1 
# 
loop_
_pdbx_nmr_software.classification 
_pdbx_nmr_software.name 
_pdbx_nmr_software.version 
_pdbx_nmr_software.authors 
_pdbx_nmr_software.ordinal 
processing           NMRPipe 4.1                 'Delaglio, F.' 1 
'data analysis'      NMRView 5.0.4               'Johnson, B.'  2 
'data analysis'      ANSIG   'Ansig for Windows' Helgstrand     3 
'structure solution' CNS     1.1                 'Brunger, T.'  4 
refinement           CNS     1.1                 'Brunger, T.'  5 
# 
loop_
_chem_comp_atom.comp_id 
_chem_comp_atom.atom_id 
_chem_comp_atom.type_symbol 
_chem_comp_atom.pdbx_aromatic_flag 
_chem_comp_atom.pdbx_stereo_config 
_chem_comp_atom.pdbx_ordinal 
ALA N    N N N 1   
ALA CA   C N S 2   
ALA C    C N N 3   
ALA O    O N N 4   
ALA CB   C N N 5   
ALA OXT  O N N 6   
ALA H    H N N 7   
ALA H2   H N N 8   
ALA HA   H N N 9   
ALA HB1  H N N 10  
ALA HB2  H N N 11  
ALA HB3  H N N 12  
ALA HXT  H N N 13  
ARG N    N N N 14  
ARG CA   C N S 15  
ARG C    C N N 16  
ARG O    O N N 17  
ARG CB   C N N 18  
ARG CG   C N N 19  
ARG CD   C N N 20  
ARG NE   N N N 21  
ARG CZ   C N N 22  
ARG NH1  N N N 23  
ARG NH2  N N N 24  
ARG OXT  O N N 25  
ARG H    H N N 26  
ARG H2   H N N 27  
ARG HA   H N N 28  
ARG HB2  H N N 29  
ARG HB3  H N N 30  
ARG HG2  H N N 31  
ARG HG3  H N N 32  
ARG HD2  H N N 33  
ARG HD3  H N N 34  
ARG HE   H N N 35  
ARG HH11 H N N 36  
ARG HH12 H N N 37  
ARG HH21 H N N 38  
ARG HH22 H N N 39  
ARG HXT  H N N 40  
ASN N    N N N 41  
ASN CA   C N S 42  
ASN C    C N N 43  
ASN O    O N N 44  
ASN CB   C N N 45  
ASN CG   C N N 46  
ASN OD1  O N N 47  
ASN ND2  N N N 48  
ASN OXT  O N N 49  
ASN H    H N N 50  
ASN H2   H N N 51  
ASN HA   H N N 52  
ASN HB2  H N N 53  
ASN HB3  H N N 54  
ASN HD21 H N N 55  
ASN HD22 H N N 56  
ASN HXT  H N N 57  
ASP N    N N N 58  
ASP CA   C N S 59  
ASP C    C N N 60  
ASP O    O N N 61  
ASP CB   C N N 62  
ASP CG   C N N 63  
ASP OD1  O N N 64  
ASP OD2  O N N 65  
ASP OXT  O N N 66  
ASP H    H N N 67  
ASP H2   H N N 68  
ASP HA   H N N 69  
ASP HB2  H N N 70  
ASP HB3  H N N 71  
ASP HD2  H N N 72  
ASP HXT  H N N 73  
GLN N    N N N 74  
GLN CA   C N S 75  
GLN C    C N N 76  
GLN O    O N N 77  
GLN CB   C N N 78  
GLN CG   C N N 79  
GLN CD   C N N 80  
GLN OE1  O N N 81  
GLN NE2  N N N 82  
GLN OXT  O N N 83  
GLN H    H N N 84  
GLN H2   H N N 85  
GLN HA   H N N 86  
GLN HB2  H N N 87  
GLN HB3  H N N 88  
GLN HG2  H N N 89  
GLN HG3  H N N 90  
GLN HE21 H N N 91  
GLN HE22 H N N 92  
GLN HXT  H N N 93  
GLU N    N N N 94  
GLU CA   C N S 95  
GLU C    C N N 96  
GLU O    O N N 97  
GLU CB   C N N 98  
GLU CG   C N N 99  
GLU CD   C N N 100 
GLU OE1  O N N 101 
GLU OE2  O N N 102 
GLU OXT  O N N 103 
GLU H    H N N 104 
GLU H2   H N N 105 
GLU HA   H N N 106 
GLU HB2  H N N 107 
GLU HB3  H N N 108 
GLU HG2  H N N 109 
GLU HG3  H N N 110 
GLU HE2  H N N 111 
GLU HXT  H N N 112 
GLY N    N N N 113 
GLY CA   C N N 114 
GLY C    C N N 115 
GLY O    O N N 116 
GLY OXT  O N N 117 
GLY H    H N N 118 
GLY H2   H N N 119 
GLY HA2  H N N 120 
GLY HA3  H N N 121 
GLY HXT  H N N 122 
HIS N    N N N 123 
HIS CA   C N S 124 
HIS C    C N N 125 
HIS O    O N N 126 
HIS CB   C N N 127 
HIS CG   C Y N 128 
HIS ND1  N Y N 129 
HIS CD2  C Y N 130 
HIS CE1  C Y N 131 
HIS NE2  N Y N 132 
HIS OXT  O N N 133 
HIS H    H N N 134 
HIS H2   H N N 135 
HIS HA   H N N 136 
HIS HB2  H N N 137 
HIS HB3  H N N 138 
HIS HD1  H N N 139 
HIS HD2  H N N 140 
HIS HE1  H N N 141 
HIS HE2  H N N 142 
HIS HXT  H N N 143 
ILE N    N N N 144 
ILE CA   C N S 145 
ILE C    C N N 146 
ILE O    O N N 147 
ILE CB   C N S 148 
ILE CG1  C N N 149 
ILE CG2  C N N 150 
ILE CD1  C N N 151 
ILE OXT  O N N 152 
ILE H    H N N 153 
ILE H2   H N N 154 
ILE HA   H N N 155 
ILE HB   H N N 156 
ILE HG12 H N N 157 
ILE HG13 H N N 158 
ILE HG21 H N N 159 
ILE HG22 H N N 160 
ILE HG23 H N N 161 
ILE HD11 H N N 162 
ILE HD12 H N N 163 
ILE HD13 H N N 164 
ILE HXT  H N N 165 
LEU N    N N N 166 
LEU CA   C N S 167 
LEU C    C N N 168 
LEU O    O N N 169 
LEU CB   C N N 170 
LEU CG   C N N 171 
LEU CD1  C N N 172 
LEU CD2  C N N 173 
LEU OXT  O N N 174 
LEU H    H N N 175 
LEU H2   H N N 176 
LEU HA   H N N 177 
LEU HB2  H N N 178 
LEU HB3  H N N 179 
LEU HG   H N N 180 
LEU HD11 H N N 181 
LEU HD12 H N N 182 
LEU HD13 H N N 183 
LEU HD21 H N N 184 
LEU HD22 H N N 185 
LEU HD23 H N N 186 
LEU HXT  H N N 187 
LYS N    N N N 188 
LYS CA   C N S 189 
LYS C    C N N 190 
LYS O    O N N 191 
LYS CB   C N N 192 
LYS CG   C N N 193 
LYS CD   C N N 194 
LYS CE   C N N 195 
LYS NZ   N N N 196 
LYS OXT  O N N 197 
LYS H    H N N 198 
LYS H2   H N N 199 
LYS HA   H N N 200 
LYS HB2  H N N 201 
LYS HB3  H N N 202 
LYS HG2  H N N 203 
LYS HG3  H N N 204 
LYS HD2  H N N 205 
LYS HD3  H N N 206 
LYS HE2  H N N 207 
LYS HE3  H N N 208 
LYS HZ1  H N N 209 
LYS HZ2  H N N 210 
LYS HZ3  H N N 211 
LYS HXT  H N N 212 
MET N    N N N 213 
MET CA   C N S 214 
MET C    C N N 215 
MET O    O N N 216 
MET CB   C N N 217 
MET CG   C N N 218 
MET SD   S N N 219 
MET CE   C N N 220 
MET OXT  O N N 221 
MET H    H N N 222 
MET H2   H N N 223 
MET HA   H N N 224 
MET HB2  H N N 225 
MET HB3  H N N 226 
MET HG2  H N N 227 
MET HG3  H N N 228 
MET HE1  H N N 229 
MET HE2  H N N 230 
MET HE3  H N N 231 
MET HXT  H N N 232 
PRO N    N N N 233 
PRO CA   C N S 234 
PRO C    C N N 235 
PRO O    O N N 236 
PRO CB   C N N 237 
PRO CG   C N N 238 
PRO CD   C N N 239 
PRO OXT  O N N 240 
PRO H    H N N 241 
PRO HA   H N N 242 
PRO HB2  H N N 243 
PRO HB3  H N N 244 
PRO HG2  H N N 245 
PRO HG3  H N N 246 
PRO HD2  H N N 247 
PRO HD3  H N N 248 
PRO HXT  H N N 249 
SER N    N N N 250 
SER CA   C N S 251 
SER C    C N N 252 
SER O    O N N 253 
SER CB   C N N 254 
SER OG   O N N 255 
SER OXT  O N N 256 
SER H    H N N 257 
SER H2   H N N 258 
SER HA   H N N 259 
SER HB2  H N N 260 
SER HB3  H N N 261 
SER HG   H N N 262 
SER HXT  H N N 263 
THR N    N N N 264 
THR CA   C N S 265 
THR C    C N N 266 
THR O    O N N 267 
THR CB   C N R 268 
THR OG1  O N N 269 
THR CG2  C N N 270 
THR OXT  O N N 271 
THR H    H N N 272 
THR H2   H N N 273 
THR HA   H N N 274 
THR HB   H N N 275 
THR HG1  H N N 276 
THR HG21 H N N 277 
THR HG22 H N N 278 
THR HG23 H N N 279 
THR HXT  H N N 280 
TYR N    N N N 281 
TYR CA   C N S 282 
TYR C    C N N 283 
TYR O    O N N 284 
TYR CB   C N N 285 
TYR CG   C Y N 286 
TYR CD1  C Y N 287 
TYR CD2  C Y N 288 
TYR CE1  C Y N 289 
TYR CE2  C Y N 290 
TYR CZ   C Y N 291 
TYR OH   O N N 292 
TYR OXT  O N N 293 
TYR H    H N N 294 
TYR H2   H N N 295 
TYR HA   H N N 296 
TYR HB2  H N N 297 
TYR HB3  H N N 298 
TYR HD1  H N N 299 
TYR HD2  H N N 300 
TYR HE1  H N N 301 
TYR HE2  H N N 302 
TYR HH   H N N 303 
TYR HXT  H N N 304 
VAL N    N N N 305 
VAL CA   C N S 306 
VAL C    C N N 307 
VAL O    O N N 308 
VAL CB   C N N 309 
VAL CG1  C N N 310 
VAL CG2  C N N 311 
VAL OXT  O N N 312 
VAL H    H N N 313 
VAL H2   H N N 314 
VAL HA   H N N 315 
VAL HB   H N N 316 
VAL HG11 H N N 317 
VAL HG12 H N N 318 
VAL HG13 H N N 319 
VAL HG21 H N N 320 
VAL HG22 H N N 321 
VAL HG23 H N N 322 
VAL HXT  H N N 323 
# 
loop_
_chem_comp_bond.comp_id 
_chem_comp_bond.atom_id_1 
_chem_comp_bond.atom_id_2 
_chem_comp_bond.value_order 
_chem_comp_bond.pdbx_aromatic_flag 
_chem_comp_bond.pdbx_stereo_config 
_chem_comp_bond.pdbx_ordinal 
ALA N   CA   sing N N 1   
ALA N   H    sing N N 2   
ALA N   H2   sing N N 3   
ALA CA  C    sing N N 4   
ALA CA  CB   sing N N 5   
ALA CA  HA   sing N N 6   
ALA C   O    doub N N 7   
ALA C   OXT  sing N N 8   
ALA CB  HB1  sing N N 9   
ALA CB  HB2  sing N N 10  
ALA CB  HB3  sing N N 11  
ALA OXT HXT  sing N N 12  
ARG N   CA   sing N N 13  
ARG N   H    sing N N 14  
ARG N   H2   sing N N 15  
ARG CA  C    sing N N 16  
ARG CA  CB   sing N N 17  
ARG CA  HA   sing N N 18  
ARG C   O    doub N N 19  
ARG C   OXT  sing N N 20  
ARG CB  CG   sing N N 21  
ARG CB  HB2  sing N N 22  
ARG CB  HB3  sing N N 23  
ARG CG  CD   sing N N 24  
ARG CG  HG2  sing N N 25  
ARG CG  HG3  sing N N 26  
ARG CD  NE   sing N N 27  
ARG CD  HD2  sing N N 28  
ARG CD  HD3  sing N N 29  
ARG NE  CZ   sing N N 30  
ARG NE  HE   sing N N 31  
ARG CZ  NH1  sing N N 32  
ARG CZ  NH2  doub N N 33  
ARG NH1 HH11 sing N N 34  
ARG NH1 HH12 sing N N 35  
ARG NH2 HH21 sing N N 36  
ARG NH2 HH22 sing N N 37  
ARG OXT HXT  sing N N 38  
ASN N   CA   sing N N 39  
ASN N   H    sing N N 40  
ASN N   H2   sing N N 41  
ASN CA  C    sing N N 42  
ASN CA  CB   sing N N 43  
ASN CA  HA   sing N N 44  
ASN C   O    doub N N 45  
ASN C   OXT  sing N N 46  
ASN CB  CG   sing N N 47  
ASN CB  HB2  sing N N 48  
ASN CB  HB3  sing N N 49  
ASN CG  OD1  doub N N 50  
ASN CG  ND2  sing N N 51  
ASN ND2 HD21 sing N N 52  
ASN ND2 HD22 sing N N 53  
ASN OXT HXT  sing N N 54  
ASP N   CA   sing N N 55  
ASP N   H    sing N N 56  
ASP N   H2   sing N N 57  
ASP CA  C    sing N N 58  
ASP CA  CB   sing N N 59  
ASP CA  HA   sing N N 60  
ASP C   O    doub N N 61  
ASP C   OXT  sing N N 62  
ASP CB  CG   sing N N 63  
ASP CB  HB2  sing N N 64  
ASP CB  HB3  sing N N 65  
ASP CG  OD1  doub N N 66  
ASP CG  OD2  sing N N 67  
ASP OD2 HD2  sing N N 68  
ASP OXT HXT  sing N N 69  
GLN N   CA   sing N N 70  
GLN N   H    sing N N 71  
GLN N   H2   sing N N 72  
GLN CA  C    sing N N 73  
GLN CA  CB   sing N N 74  
GLN CA  HA   sing N N 75  
GLN C   O    doub N N 76  
GLN C   OXT  sing N N 77  
GLN CB  CG   sing N N 78  
GLN CB  HB2  sing N N 79  
GLN CB  HB3  sing N N 80  
GLN CG  CD   sing N N 81  
GLN CG  HG2  sing N N 82  
GLN CG  HG3  sing N N 83  
GLN CD  OE1  doub N N 84  
GLN CD  NE2  sing N N 85  
GLN NE2 HE21 sing N N 86  
GLN NE2 HE22 sing N N 87  
GLN OXT HXT  sing N N 88  
GLU N   CA   sing N N 89  
GLU N   H    sing N N 90  
GLU N   H2   sing N N 91  
GLU CA  C    sing N N 92  
GLU CA  CB   sing N N 93  
GLU CA  HA   sing N N 94  
GLU C   O    doub N N 95  
GLU C   OXT  sing N N 96  
GLU CB  CG   sing N N 97  
GLU CB  HB2  sing N N 98  
GLU CB  HB3  sing N N 99  
GLU CG  CD   sing N N 100 
GLU CG  HG2  sing N N 101 
GLU CG  HG3  sing N N 102 
GLU CD  OE1  doub N N 103 
GLU CD  OE2  sing N N 104 
GLU OE2 HE2  sing N N 105 
GLU OXT HXT  sing N N 106 
GLY N   CA   sing N N 107 
GLY N   H    sing N N 108 
GLY N   H2   sing N N 109 
GLY CA  C    sing N N 110 
GLY CA  HA2  sing N N 111 
GLY CA  HA3  sing N N 112 
GLY C   O    doub N N 113 
GLY C   OXT  sing N N 114 
GLY OXT HXT  sing N N 115 
HIS N   CA   sing N N 116 
HIS N   H    sing N N 117 
HIS N   H2   sing N N 118 
HIS CA  C    sing N N 119 
HIS CA  CB   sing N N 120 
HIS CA  HA   sing N N 121 
HIS C   O    doub N N 122 
HIS C   OXT  sing N N 123 
HIS CB  CG   sing N N 124 
HIS CB  HB2  sing N N 125 
HIS CB  HB3  sing N N 126 
HIS CG  ND1  sing Y N 127 
HIS CG  CD2  doub Y N 128 
HIS ND1 CE1  doub Y N 129 
HIS ND1 HD1  sing N N 130 
HIS CD2 NE2  sing Y N 131 
HIS CD2 HD2  sing N N 132 
HIS CE1 NE2  sing Y N 133 
HIS CE1 HE1  sing N N 134 
HIS NE2 HE2  sing N N 135 
HIS OXT HXT  sing N N 136 
ILE N   CA   sing N N 137 
ILE N   H    sing N N 138 
ILE N   H2   sing N N 139 
ILE CA  C    sing N N 140 
ILE CA  CB   sing N N 141 
ILE CA  HA   sing N N 142 
ILE C   O    doub N N 143 
ILE C   OXT  sing N N 144 
ILE CB  CG1  sing N N 145 
ILE CB  CG2  sing N N 146 
ILE CB  HB   sing N N 147 
ILE CG1 CD1  sing N N 148 
ILE CG1 HG12 sing N N 149 
ILE CG1 HG13 sing N N 150 
ILE CG2 HG21 sing N N 151 
ILE CG2 HG22 sing N N 152 
ILE CG2 HG23 sing N N 153 
ILE CD1 HD11 sing N N 154 
ILE CD1 HD12 sing N N 155 
ILE CD1 HD13 sing N N 156 
ILE OXT HXT  sing N N 157 
LEU N   CA   sing N N 158 
LEU N   H    sing N N 159 
LEU N   H2   sing N N 160 
LEU CA  C    sing N N 161 
LEU CA  CB   sing N N 162 
LEU CA  HA   sing N N 163 
LEU C   O    doub N N 164 
LEU C   OXT  sing N N 165 
LEU CB  CG   sing N N 166 
LEU CB  HB2  sing N N 167 
LEU CB  HB3  sing N N 168 
LEU CG  CD1  sing N N 169 
LEU CG  CD2  sing N N 170 
LEU CG  HG   sing N N 171 
LEU CD1 HD11 sing N N 172 
LEU CD1 HD12 sing N N 173 
LEU CD1 HD13 sing N N 174 
LEU CD2 HD21 sing N N 175 
LEU CD2 HD22 sing N N 176 
LEU CD2 HD23 sing N N 177 
LEU OXT HXT  sing N N 178 
LYS N   CA   sing N N 179 
LYS N   H    sing N N 180 
LYS N   H2   sing N N 181 
LYS CA  C    sing N N 182 
LYS CA  CB   sing N N 183 
LYS CA  HA   sing N N 184 
LYS C   O    doub N N 185 
LYS C   OXT  sing N N 186 
LYS CB  CG   sing N N 187 
LYS CB  HB2  sing N N 188 
LYS CB  HB3  sing N N 189 
LYS CG  CD   sing N N 190 
LYS CG  HG2  sing N N 191 
LYS CG  HG3  sing N N 192 
LYS CD  CE   sing N N 193 
LYS CD  HD2  sing N N 194 
LYS CD  HD3  sing N N 195 
LYS CE  NZ   sing N N 196 
LYS CE  HE2  sing N N 197 
LYS CE  HE3  sing N N 198 
LYS NZ  HZ1  sing N N 199 
LYS NZ  HZ2  sing N N 200 
LYS NZ  HZ3  sing N N 201 
LYS OXT HXT  sing N N 202 
MET N   CA   sing N N 203 
MET N   H    sing N N 204 
MET N   H2   sing N N 205 
MET CA  C    sing N N 206 
MET CA  CB   sing N N 207 
MET CA  HA   sing N N 208 
MET C   O    doub N N 209 
MET C   OXT  sing N N 210 
MET CB  CG   sing N N 211 
MET CB  HB2  sing N N 212 
MET CB  HB3  sing N N 213 
MET CG  SD   sing N N 214 
MET CG  HG2  sing N N 215 
MET CG  HG3  sing N N 216 
MET SD  CE   sing N N 217 
MET CE  HE1  sing N N 218 
MET CE  HE2  sing N N 219 
MET CE  HE3  sing N N 220 
MET OXT HXT  sing N N 221 
PRO N   CA   sing N N 222 
PRO N   CD   sing N N 223 
PRO N   H    sing N N 224 
PRO CA  C    sing N N 225 
PRO CA  CB   sing N N 226 
PRO CA  HA   sing N N 227 
PRO C   O    doub N N 228 
PRO C   OXT  sing N N 229 
PRO CB  CG   sing N N 230 
PRO CB  HB2  sing N N 231 
PRO CB  HB3  sing N N 232 
PRO CG  CD   sing N N 233 
PRO CG  HG2  sing N N 234 
PRO CG  HG3  sing N N 235 
PRO CD  HD2  sing N N 236 
PRO CD  HD3  sing N N 237 
PRO OXT HXT  sing N N 238 
SER N   CA   sing N N 239 
SER N   H    sing N N 240 
SER N   H2   sing N N 241 
SER CA  C    sing N N 242 
SER CA  CB   sing N N 243 
SER CA  HA   sing N N 244 
SER C   O    doub N N 245 
SER C   OXT  sing N N 246 
SER CB  OG   sing N N 247 
SER CB  HB2  sing N N 248 
SER CB  HB3  sing N N 249 
SER OG  HG   sing N N 250 
SER OXT HXT  sing N N 251 
THR N   CA   sing N N 252 
THR N   H    sing N N 253 
THR N   H2   sing N N 254 
THR CA  C    sing N N 255 
THR CA  CB   sing N N 256 
THR CA  HA   sing N N 257 
THR C   O    doub N N 258 
THR C   OXT  sing N N 259 
THR CB  OG1  sing N N 260 
THR CB  CG2  sing N N 261 
THR CB  HB   sing N N 262 
THR OG1 HG1  sing N N 263 
THR CG2 HG21 sing N N 264 
THR CG2 HG22 sing N N 265 
THR CG2 HG23 sing N N 266 
THR OXT HXT  sing N N 267 
TYR N   CA   sing N N 268 
TYR N   H    sing N N 269 
TYR N   H2   sing N N 270 
TYR CA  C    sing N N 271 
TYR CA  CB   sing N N 272 
TYR CA  HA   sing N N 273 
TYR C   O    doub N N 274 
TYR C   OXT  sing N N 275 
TYR CB  CG   sing N N 276 
TYR CB  HB2  sing N N 277 
TYR CB  HB3  sing N N 278 
TYR CG  CD1  doub Y N 279 
TYR CG  CD2  sing Y N 280 
TYR CD1 CE1  sing Y N 281 
TYR CD1 HD1  sing N N 282 
TYR CD2 CE2  doub Y N 283 
TYR CD2 HD2  sing N N 284 
TYR CE1 CZ   doub Y N 285 
TYR CE1 HE1  sing N N 286 
TYR CE2 CZ   sing Y N 287 
TYR CE2 HE2  sing N N 288 
TYR CZ  OH   sing N N 289 
TYR OH  HH   sing N N 290 
TYR OXT HXT  sing N N 291 
VAL N   CA   sing N N 292 
VAL N   H    sing N N 293 
VAL N   H2   sing N N 294 
VAL CA  C    sing N N 295 
VAL CA  CB   sing N N 296 
VAL CA  HA   sing N N 297 
VAL C   O    doub N N 298 
VAL C   OXT  sing N N 299 
VAL CB  CG1  sing N N 300 
VAL CB  CG2  sing N N 301 
VAL CB  HB   sing N N 302 
VAL CG1 HG11 sing N N 303 
VAL CG1 HG12 sing N N 304 
VAL CG1 HG13 sing N N 305 
VAL CG2 HG21 sing N N 306 
VAL CG2 HG22 sing N N 307 
VAL CG2 HG23 sing N N 308 
VAL OXT HXT  sing N N 309 
# 
_pdbx_nmr_spectrometer.spectrometer_id   1 
_pdbx_nmr_spectrometer.model             INOVA 
_pdbx_nmr_spectrometer.manufacturer      Varian 
_pdbx_nmr_spectrometer.field_strength    500 
_pdbx_nmr_spectrometer.type              ? 
# 
_atom_sites.entry_id                    2D46 
_atom_sites.fract_transf_matrix[1][1]   1.000000 
_atom_sites.fract_transf_matrix[1][2]   0.000000 
_atom_sites.fract_transf_matrix[1][3]   0.000000 
_atom_sites.fract_transf_matrix[2][1]   0.000000 
_atom_sites.fract_transf_matrix[2][2]   1.000000 
_atom_sites.fract_transf_matrix[2][3]   0.000000 
_atom_sites.fract_transf_matrix[3][1]   0.000000 
_atom_sites.fract_transf_matrix[3][2]   0.000000 
_atom_sites.fract_transf_matrix[3][3]   1.000000 
_atom_sites.fract_transf_vector[1]      0.00000 
_atom_sites.fract_transf_vector[2]      0.00000 
_atom_sites.fract_transf_vector[3]      0.00000 
# 
loop_
_atom_type.symbol 
C 
H 
N 
O 
S 
# 
loop_
_atom_site.group_PDB 
_atom_site.id 
_atom_site.type_symbol 
_atom_site.label_atom_id 
_atom_site.label_alt_id 
_atom_site.label_comp_id 
_atom_site.label_asym_id 
_atom_site.label_entity_id 
_atom_site.label_seq_id 
_atom_site.pdbx_PDB_ins_code 
_atom_site.Cartn_x 
_atom_site.Cartn_y 
_atom_site.Cartn_z 
_atom_site.occupancy 
_atom_site.B_iso_or_equiv 
_atom_site.pdbx_formal_charge 
_atom_site.auth_seq_id 
_atom_site.auth_comp_id 
_atom_site.auth_asym_id 
_atom_site.auth_atom_id 
_atom_site.pdbx_PDB_model_num 
ATOM 1   N N    . GLY A 1 1  ? 8.578   -12.862 5.164   1.00 0.00 ? 1  GLY A N    1 
ATOM 2   C CA   . GLY A 1 1  ? 8.195   -12.255 3.859   1.00 0.00 ? 1  GLY A CA   1 
ATOM 3   C C    . GLY A 1 1  ? 7.735   -10.816 3.999   1.00 0.00 ? 1  GLY A C    1 
ATOM 4   O O    . GLY A 1 1  ? 6.918   -10.499 4.865   1.00 0.00 ? 1  GLY A O    1 
ATOM 5   H H1   . GLY A 1 1  ? 7.995   -12.465 5.928   1.00 0.00 ? 1  GLY A H1   1 
ATOM 6   H H2   . GLY A 1 1  ? 9.577   -12.666 5.370   1.00 0.00 ? 1  GLY A H2   1 
ATOM 7   H H3   . GLY A 1 1  ? 8.438   -13.893 5.133   1.00 0.00 ? 1  GLY A H3   1 
ATOM 8   H HA2  . GLY A 1 1  ? 9.047   -12.285 3.195   1.00 0.00 ? 1  GLY A HA2  1 
ATOM 9   H HA3  . GLY A 1 1  ? 7.394   -12.836 3.425   1.00 0.00 ? 1  GLY A HA3  1 
ATOM 10  N N    . SER A 1 2  ? 8.261   -9.943  3.144   1.00 0.00 ? 2  SER A N    1 
ATOM 11  C CA   . SER A 1 2  ? 7.896   -8.530  3.176   1.00 0.00 ? 2  SER A CA   1 
ATOM 12  C C    . SER A 1 2  ? 7.016   -8.175  1.984   1.00 0.00 ? 2  SER A C    1 
ATOM 13  O O    . SER A 1 2  ? 7.185   -7.126  1.359   1.00 0.00 ? 2  SER A O    1 
ATOM 14  C CB   . SER A 1 2  ? 9.150   -7.654  3.184   1.00 0.00 ? 2  SER A CB   1 
ATOM 15  O OG   . SER A 1 2  ? 8.810   -6.278  3.202   1.00 0.00 ? 2  SER A OG   1 
ATOM 16  H H    . SER A 1 2  ? 8.905   -10.256 2.475   1.00 0.00 ? 2  SER A H    1 
ATOM 17  H HA   . SER A 1 2  ? 7.338   -8.355  4.083   1.00 0.00 ? 2  SER A HA   1 
ATOM 18  H HB2  . SER A 1 2  ? 9.737   -7.878  4.062   1.00 0.00 ? 2  SER A HB2  1 
ATOM 19  H HB3  . SER A 1 2  ? 9.732   -7.857  2.299   1.00 0.00 ? 2  SER A HB3  1 
ATOM 20  H HG   . SER A 1 2  ? 9.515   -5.780  3.618   1.00 0.00 ? 2  SER A HG   1 
ATOM 21  N N    . HIS A 1 3  ? 6.071   -9.057  1.681   1.00 0.00 ? 3  HIS A N    1 
ATOM 22  C CA   . HIS A 1 3  ? 5.156   -8.852  0.573   1.00 0.00 ? 3  HIS A CA   1 
ATOM 23  C C    . HIS A 1 3  ? 3.940   -8.052  1.014   1.00 0.00 ? 3  HIS A C    1 
ATOM 24  O O    . HIS A 1 3  ? 2.804   -8.518  0.903   1.00 0.00 ? 3  HIS A O    1 
ATOM 25  C CB   . HIS A 1 3  ? 4.712   -10.188 -0.037  1.00 0.00 ? 3  HIS A CB   1 
ATOM 26  C CG   . HIS A 1 3  ? 4.146   -11.161 0.954   1.00 0.00 ? 3  HIS A CG   1 
ATOM 27  N ND1  . HIS A 1 3  ? 4.903   -11.782 1.928   1.00 0.00 ? 3  HIS A ND1  1 
ATOM 28  C CD2  . HIS A 1 3  ? 2.883   -11.622 1.116   1.00 0.00 ? 3  HIS A CD2  1 
ATOM 29  C CE1  . HIS A 1 3  ? 4.129   -12.578 2.645   1.00 0.00 ? 3  HIS A CE1  1 
ATOM 30  N NE2  . HIS A 1 3  ? 2.900   -12.498 2.173   1.00 0.00 ? 3  HIS A NE2  1 
ATOM 31  H H    . HIS A 1 3  ? 5.989   -9.862  2.217   1.00 0.00 ? 3  HIS A H    1 
ATOM 32  H HA   . HIS A 1 3  ? 5.685   -8.290  -0.180  1.00 0.00 ? 3  HIS A HA   1 
ATOM 33  H HB2  . HIS A 1 3  ? 3.947   -9.993  -0.776  1.00 0.00 ? 3  HIS A HB2  1 
ATOM 34  H HB3  . HIS A 1 3  ? 5.558   -10.654 -0.519  1.00 0.00 ? 3  HIS A HB3  1 
ATOM 35  H HD1  . HIS A 1 3  ? 5.866   -11.664 2.066   1.00 0.00 ? 3  HIS A HD1  1 
ATOM 36  H HD2  . HIS A 1 3  ? 2.021   -11.353 0.521   1.00 0.00 ? 3  HIS A HD2  1 
ATOM 37  H HE1  . HIS A 1 3  ? 4.448   -13.189 3.478   1.00 0.00 ? 3  HIS A HE1  1 
ATOM 38  H HE2  . HIS A 1 3  ? 2.124   -12.979 2.529   1.00 0.00 ? 3  HIS A HE2  1 
ATOM 39  N N    . MET A 1 4  ? 4.175   -6.843  1.515   1.00 0.00 ? 4  MET A N    1 
ATOM 40  C CA   . MET A 1 4  ? 3.084   -5.987  1.964   1.00 0.00 ? 4  MET A CA   1 
ATOM 41  C C    . MET A 1 4  ? 2.289   -5.447  0.774   1.00 0.00 ? 4  MET A C    1 
ATOM 42  O O    . MET A 1 4  ? 1.789   -4.323  0.813   1.00 0.00 ? 4  MET A O    1 
ATOM 43  C CB   . MET A 1 4  ? 3.587   -4.820  2.836   1.00 0.00 ? 4  MET A CB   1 
ATOM 44  C CG   . MET A 1 4  ? 5.075   -4.849  3.159   1.00 0.00 ? 4  MET A CG   1 
ATOM 45  S SD   . MET A 1 4  ? 5.542   -6.281  4.151   1.00 0.00 ? 4  MET A SD   1 
ATOM 46  C CE   . MET A 1 4  ? 4.542   -6.018  5.614   1.00 0.00 ? 4  MET A CE   1 
ATOM 47  H H    . MET A 1 4  ? 5.092   -6.523  1.577   1.00 0.00 ? 4  MET A H    1 
ATOM 48  H HA   . MET A 1 4  ? 2.428   -6.601  2.555   1.00 0.00 ? 4  MET A HA   1 
ATOM 49  H HB2  . MET A 1 4  ? 3.371   -3.888  2.335   1.00 0.00 ? 4  MET A HB2  1 
ATOM 50  H HB3  . MET A 1 4  ? 3.047   -4.840  3.768   1.00 0.00 ? 4  MET A HB3  1 
ATOM 51  H HG2  . MET A 1 4  ? 5.632   -4.871  2.235   1.00 0.00 ? 4  MET A HG2  1 
ATOM 52  H HG3  . MET A 1 4  ? 5.327   -3.952  3.707   1.00 0.00 ? 4  MET A HG3  1 
ATOM 53  H HE1  . MET A 1 4  ? 3.506   -6.214  5.382   1.00 0.00 ? 4  MET A HE1  1 
ATOM 54  H HE2  . MET A 1 4  ? 4.649   -4.995  5.943   1.00 0.00 ? 4  MET A HE2  1 
ATOM 55  H HE3  . MET A 1 4  ? 4.868   -6.686  6.397   1.00 0.00 ? 4  MET A HE3  1 
ATOM 56  N N    . TYR A 1 5  ? 2.156   -6.258  -0.275  1.00 0.00 ? 5  TYR A N    1 
ATOM 57  C CA   . TYR A 1 5  ? 1.410   -5.870  -1.456  1.00 0.00 ? 5  TYR A CA   1 
ATOM 58  C C    . TYR A 1 5  ? -0.029  -5.552  -1.083  1.00 0.00 ? 5  TYR A C    1 
ATOM 59  O O    . TYR A 1 5  ? -0.719  -4.808  -1.779  1.00 0.00 ? 5  TYR A O    1 
ATOM 60  C CB   . TYR A 1 5  ? 1.446   -7.008  -2.476  1.00 0.00 ? 5  TYR A CB   1 
ATOM 61  C CG   . TYR A 1 5  ? 2.808   -7.280  -3.083  1.00 0.00 ? 5  TYR A CG   1 
ATOM 62  C CD1  . TYR A 1 5  ? 3.972   -6.757  -2.531  1.00 0.00 ? 5  TYR A CD1  1 
ATOM 63  C CD2  . TYR A 1 5  ? 2.922   -8.066  -4.223  1.00 0.00 ? 5  TYR A CD2  1 
ATOM 64  C CE1  . TYR A 1 5  ? 5.206   -7.012  -3.096  1.00 0.00 ? 5  TYR A CE1  1 
ATOM 65  C CE2  . TYR A 1 5  ? 4.153   -8.324  -4.792  1.00 0.00 ? 5  TYR A CE2  1 
ATOM 66  C CZ   . TYR A 1 5  ? 5.290   -7.796  -4.226  1.00 0.00 ? 5  TYR A CZ   1 
ATOM 67  O OH   . TYR A 1 5  ? 6.518   -8.051  -4.792  1.00 0.00 ? 5  TYR A OH   1 
ATOM 68  H H    . TYR A 1 5  ? 2.554   -7.144  -0.255  1.00 0.00 ? 5  TYR A H    1 
ATOM 69  H HA   . TYR A 1 5  ? 1.876   -4.992  -1.877  1.00 0.00 ? 5  TYR A HA   1 
ATOM 70  H HB2  . TYR A 1 5  ? 1.116   -7.917  -1.997  1.00 0.00 ? 5  TYR A HB2  1 
ATOM 71  H HB3  . TYR A 1 5  ? 0.771   -6.771  -3.273  1.00 0.00 ? 5  TYR A HB3  1 
ATOM 72  H HD1  . TYR A 1 5  ? 3.907   -6.143  -1.650  1.00 0.00 ? 5  TYR A HD1  1 
ATOM 73  H HD2  . TYR A 1 5  ? 2.029   -8.481  -4.667  1.00 0.00 ? 5  TYR A HD2  1 
ATOM 74  H HE1  . TYR A 1 5  ? 6.098   -6.600  -2.650  1.00 0.00 ? 5  TYR A HE1  1 
ATOM 75  H HE2  . TYR A 1 5  ? 4.219   -8.936  -5.678  1.00 0.00 ? 5  TYR A HE2  1 
ATOM 76  H HH   . TYR A 1 5  ? 6.518   -8.931  -5.180  1.00 0.00 ? 5  TYR A HH   1 
ATOM 77  N N    . ASP A 1 6  ? -0.472  -6.127  0.030   1.00 0.00 ? 6  ASP A N    1 
ATOM 78  C CA   . ASP A 1 6  ? -1.823  -5.913  0.521   1.00 0.00 ? 6  ASP A CA   1 
ATOM 79  C C    . ASP A 1 6  ? -2.089  -4.430  0.738   1.00 0.00 ? 6  ASP A C    1 
ATOM 80  O O    . ASP A 1 6  ? -3.217  -3.963  0.586   1.00 0.00 ? 6  ASP A O    1 
ATOM 81  C CB   . ASP A 1 6  ? -2.053  -6.698  1.812   1.00 0.00 ? 6  ASP A CB   1 
ATOM 82  C CG   . ASP A 1 6  ? -0.958  -6.473  2.831   1.00 0.00 ? 6  ASP A CG   1 
ATOM 83  O OD1  . ASP A 1 6  ? 0.227   -6.660  2.484   1.00 0.00 ? 6  ASP A OD1  1 
ATOM 84  O OD2  . ASP A 1 6  ? -1.288  -6.125  3.979   1.00 0.00 ? 6  ASP A OD2  1 
ATOM 85  H H    . ASP A 1 6  ? 0.133   -6.706  0.537   1.00 0.00 ? 6  ASP A H    1 
ATOM 86  H HA   . ASP A 1 6  ? -2.501  -6.276  -0.230  1.00 0.00 ? 6  ASP A HA   1 
ATOM 87  H HB2  . ASP A 1 6  ? -2.989  -6.386  2.252   1.00 0.00 ? 6  ASP A HB2  1 
ATOM 88  H HB3  . ASP A 1 6  ? -2.097  -7.753  1.585   1.00 0.00 ? 6  ASP A HB3  1 
ATOM 89  N N    . ASN A 1 7  ? -1.038  -3.693  1.079   1.00 0.00 ? 7  ASN A N    1 
ATOM 90  C CA   . ASN A 1 7  ? -1.150  -2.266  1.298   1.00 0.00 ? 7  ASN A CA   1 
ATOM 91  C C    . ASN A 1 7  ? -1.643  -1.555  0.045   1.00 0.00 ? 7  ASN A C    1 
ATOM 92  O O    . ASN A 1 7  ? -2.358  -0.557  0.123   1.00 0.00 ? 7  ASN A O    1 
ATOM 93  C CB   . ASN A 1 7  ? 0.191   -1.695  1.727   1.00 0.00 ? 7  ASN A CB   1 
ATOM 94  C CG   . ASN A 1 7  ? 0.423   -1.791  3.221   1.00 0.00 ? 7  ASN A CG   1 
ATOM 95  O OD1  . ASN A 1 7  ? -0.385  -1.318  4.019   1.00 0.00 ? 7  ASN A OD1  1 
ATOM 96  N ND2  . ASN A 1 7  ? 1.538   -2.397  3.603   1.00 0.00 ? 7  ASN A ND2  1 
ATOM 97  H H    . ASN A 1 7  ? -0.163  -4.118  1.175   1.00 0.00 ? 7  ASN A H    1 
ATOM 98  H HA   . ASN A 1 7  ? -1.853  -2.113  2.083   1.00 0.00 ? 7  ASN A HA   1 
ATOM 99  H HB2  . ASN A 1 7  ? 0.965   -2.247  1.234   1.00 0.00 ? 7  ASN A HB2  1 
ATOM 100 H HB3  . ASN A 1 7  ? 0.247   -0.664  1.435   1.00 0.00 ? 7  ASN A HB3  1 
ATOM 101 H HD21 . ASN A 1 7  ? 2.135   -2.741  2.909   1.00 0.00 ? 7  ASN A HD21 1 
ATOM 102 H HD22 . ASN A 1 7  ? 1.723   -2.466  4.560   1.00 0.00 ? 7  ASN A HD22 1 
ATOM 103 N N    . LEU A 1 8  ? -1.244  -2.076  -1.107  1.00 0.00 ? 8  LEU A N    1 
ATOM 104 C CA   . LEU A 1 8  ? -1.631  -1.497  -2.389  1.00 0.00 ? 8  LEU A CA   1 
ATOM 105 C C    . LEU A 1 8  ? -3.157  -1.487  -2.523  1.00 0.00 ? 8  LEU A C    1 
ATOM 106 O O    . LEU A 1 8  ? -3.728  -0.619  -3.183  1.00 0.00 ? 8  LEU A O    1 
ATOM 107 C CB   . LEU A 1 8  ? -0.982  -2.275  -3.535  1.00 0.00 ? 8  LEU A CB   1 
ATOM 108 C CG   . LEU A 1 8  ? -0.876  -1.514  -4.859  1.00 0.00 ? 8  LEU A CG   1 
ATOM 109 C CD1  . LEU A 1 8  ? -0.025  -0.273  -4.682  1.00 0.00 ? 8  LEU A CD1  1 
ATOM 110 C CD2  . LEU A 1 8  ? -0.286  -2.403  -5.942  1.00 0.00 ? 8  LEU A CD2  1 
ATOM 111 H H    . LEU A 1 8  ? -0.669  -2.867  -1.093  1.00 0.00 ? 8  LEU A H    1 
ATOM 112 H HA   . LEU A 1 8  ? -1.275  -0.478  -2.408  1.00 0.00 ? 8  LEU A HA   1 
ATOM 113 H HB2  . LEU A 1 8  ? 0.013   -2.563  -3.227  1.00 0.00 ? 8  LEU A HB2  1 
ATOM 114 H HB3  . LEU A 1 8  ? -1.560  -3.171  -3.705  1.00 0.00 ? 8  LEU A HB3  1 
ATOM 115 H HG   . LEU A 1 8  ? -1.859  -1.200  -5.172  1.00 0.00 ? 8  LEU A HG   1 
ATOM 116 H HD11 . LEU A 1 8  ? 0.098   0.220   -5.635  1.00 0.00 ? 8  LEU A HD11 1 
ATOM 117 H HD12 . LEU A 1 8  ? 0.942   -0.558  -4.295  1.00 0.00 ? 8  LEU A HD12 1 
ATOM 118 H HD13 . LEU A 1 8  ? -0.506  0.399   -3.986  1.00 0.00 ? 8  LEU A HD13 1 
ATOM 119 H HD21 . LEU A 1 8  ? -0.521  -1.994  -6.910  1.00 0.00 ? 8  LEU A HD21 1 
ATOM 120 H HD22 . LEU A 1 8  ? -0.700  -3.397  -5.861  1.00 0.00 ? 8  LEU A HD22 1 
ATOM 121 H HD23 . LEU A 1 8  ? 0.786   -2.447  -5.824  1.00 0.00 ? 8  LEU A HD23 1 
ATOM 122 N N    . TYR A 1 9  ? -3.809  -2.434  -1.841  1.00 0.00 ? 9  TYR A N    1 
ATOM 123 C CA   . TYR A 1 9  ? -5.274  -2.527  -1.822  1.00 0.00 ? 9  TYR A CA   1 
ATOM 124 C C    . TYR A 1 9  ? -5.871  -1.225  -1.279  1.00 0.00 ? 9  TYR A C    1 
ATOM 125 O O    . TYR A 1 9  ? -7.079  -0.991  -1.361  1.00 0.00 ? 9  TYR A O    1 
ATOM 126 C CB   . TYR A 1 9  ? -5.740  -3.718  -0.976  1.00 0.00 ? 9  TYR A CB   1 
ATOM 127 C CG   . TYR A 1 9  ? -5.339  -5.075  -1.528  1.00 0.00 ? 9  TYR A CG   1 
ATOM 128 C CD1  . TYR A 1 9  ? -4.014  -5.368  -1.830  1.00 0.00 ? 9  TYR A CD1  1 
ATOM 129 C CD2  . TYR A 1 9  ? -6.289  -6.069  -1.740  1.00 0.00 ? 9  TYR A CD2  1 
ATOM 130 C CE1  . TYR A 1 9  ? -3.647  -6.603  -2.326  1.00 0.00 ? 9  TYR A CE1  1 
ATOM 131 C CE2  . TYR A 1 9  ? -5.927  -7.310  -2.236  1.00 0.00 ? 9  TYR A CE2  1 
ATOM 132 C CZ   . TYR A 1 9  ? -4.606  -7.570  -2.527  1.00 0.00 ? 9  TYR A CZ   1 
ATOM 133 O OH   . TYR A 1 9  ? -4.243  -8.804  -3.018  1.00 0.00 ? 9  TYR A OH   1 
ATOM 134 H H    . TYR A 1 9  ? -3.294  -3.064  -1.302  1.00 0.00 ? 9  TYR A H    1 
ATOM 135 H HA   . TYR A 1 9  ? -5.609  -2.664  -2.841  1.00 0.00 ? 9  TYR A HA   1 
ATOM 136 H HB2  . TYR A 1 9  ? -5.323  -3.630  0.017   1.00 0.00 ? 9  TYR A HB2  1 
ATOM 137 H HB3  . TYR A 1 9  ? -6.818  -3.695  -0.906  1.00 0.00 ? 9  TYR A HB3  1 
ATOM 138 H HD1  . TYR A 1 9  ? -3.261  -4.616  -1.671  1.00 0.00 ? 9  TYR A HD1  1 
ATOM 139 H HD2  . TYR A 1 9  ? -7.325  -5.863  -1.512  1.00 0.00 ? 9  TYR A HD2  1 
ATOM 140 H HE1  . TYR A 1 9  ? -2.612  -6.807  -2.553  1.00 0.00 ? 9  TYR A HE1  1 
ATOM 141 H HE2  . TYR A 1 9  ? -6.680  -8.069  -2.392  1.00 0.00 ? 9  TYR A HE2  1 
ATOM 142 H HH   . TYR A 1 9  ? -4.349  -8.814  -3.972  1.00 0.00 ? 9  TYR A HH   1 
ATOM 143 N N    . LEU A 1 10 ? -4.992  -0.406  -0.700  1.00 0.00 ? 10 LEU A N    1 
ATOM 144 C CA   . LEU A 1 10 ? -5.322  0.877   -0.092  1.00 0.00 ? 10 LEU A CA   1 
ATOM 145 C C    . LEU A 1 10 ? -6.633  1.488   -0.576  1.00 0.00 ? 10 LEU A C    1 
ATOM 146 O O    . LEU A 1 10 ? -6.673  2.246   -1.544  1.00 0.00 ? 10 LEU A O    1 
ATOM 147 C CB   . LEU A 1 10 ? -4.183  1.847   -0.373  1.00 0.00 ? 10 LEU A CB   1 
ATOM 148 C CG   . LEU A 1 10 ? -4.422  3.266   0.112   1.00 0.00 ? 10 LEU A CG   1 
ATOM 149 C CD1  . LEU A 1 10 ? -4.794  3.233   1.580   1.00 0.00 ? 10 LEU A CD1  1 
ATOM 150 C CD2  . LEU A 1 10 ? -3.185  4.126   -0.124  1.00 0.00 ? 10 LEU A CD2  1 
ATOM 151 H H    . LEU A 1 10 ? -4.063  -0.688  -0.661  1.00 0.00 ? 10 LEU A H    1 
ATOM 152 H HA   . LEU A 1 10 ? -5.386  0.728   0.973   1.00 0.00 ? 10 LEU A HA   1 
ATOM 153 H HB2  . LEU A 1 10 ? -3.295  1.468   0.109   1.00 0.00 ? 10 LEU A HB2  1 
ATOM 154 H HB3  . LEU A 1 10 ? -4.014  1.875   -1.437  1.00 0.00 ? 10 LEU A HB3  1 
ATOM 155 H HG   . LEU A 1 10 ? -5.249  3.702   -0.435  1.00 0.00 ? 10 LEU A HG   1 
ATOM 156 H HD11 . LEU A 1 10 ? -5.868  3.275   1.684   1.00 0.00 ? 10 LEU A HD11 1 
ATOM 157 H HD12 . LEU A 1 10 ? -4.354  4.071   2.076   1.00 0.00 ? 10 LEU A HD12 1 
ATOM 158 H HD13 . LEU A 1 10 ? -4.429  2.319   2.022   1.00 0.00 ? 10 LEU A HD13 1 
ATOM 159 H HD21 . LEU A 1 10 ? -2.304  3.583   0.183   1.00 0.00 ? 10 LEU A HD21 1 
ATOM 160 H HD22 . LEU A 1 10 ? -3.265  5.037   0.447   1.00 0.00 ? 10 LEU A HD22 1 
ATOM 161 H HD23 . LEU A 1 10 ? -3.110  4.366   -1.175  1.00 0.00 ? 10 LEU A HD23 1 
ATOM 162 N N    . HIS A 1 11 ? -7.697  1.156   0.140   1.00 0.00 ? 11 HIS A N    1 
ATOM 163 C CA   . HIS A 1 11 ? -9.027  1.659   -0.159  1.00 0.00 ? 11 HIS A CA   1 
ATOM 164 C C    . HIS A 1 11 ? -9.157  3.151   0.165   1.00 0.00 ? 11 HIS A C    1 
ATOM 165 O O    . HIS A 1 11 ? -9.767  3.900   -0.597  1.00 0.00 ? 11 HIS A O    1 
ATOM 166 C CB   . HIS A 1 11 ? -10.071 0.873   0.633   1.00 0.00 ? 11 HIS A CB   1 
ATOM 167 C CG   . HIS A 1 11 ? -10.151 -0.575  0.251   1.00 0.00 ? 11 HIS A CG   1 
ATOM 168 N ND1  . HIS A 1 11 ? -10.467 -1.001  -1.022  1.00 0.00 ? 11 HIS A ND1  1 
ATOM 169 C CD2  . HIS A 1 11 ? -9.949  -1.700  0.981   1.00 0.00 ? 11 HIS A CD2  1 
ATOM 170 C CE1  . HIS A 1 11 ? -10.458 -2.322  -1.058  1.00 0.00 ? 11 HIS A CE1  1 
ATOM 171 N NE2  . HIS A 1 11 ? -10.146 -2.769  0.144   1.00 0.00 ? 11 HIS A NE2  1 
ATOM 172 H H    . HIS A 1 11 ? -7.580  0.559   0.906   1.00 0.00 ? 11 HIS A H    1 
ATOM 173 H HA   . HIS A 1 11 ? -9.209  1.511   -1.214  1.00 0.00 ? 11 HIS A HA   1 
ATOM 174 H HB2  . HIS A 1 11 ? -9.827  0.924   1.683   1.00 0.00 ? 11 HIS A HB2  1 
ATOM 175 H HB3  . HIS A 1 11 ? -11.041 1.315   0.473   1.00 0.00 ? 11 HIS A HB3  1 
ATOM 176 H HD1  . HIS A 1 11 ? -10.672 -0.421  -1.784  1.00 0.00 ? 11 HIS A HD1  1 
ATOM 177 H HD2  . HIS A 1 11 ? -9.686  -1.745  2.029   1.00 0.00 ? 11 HIS A HD2  1 
ATOM 178 H HE1  . HIS A 1 11 ? -10.669 -2.931  -1.924  1.00 0.00 ? 11 HIS A HE1  1 
ATOM 179 H HE2  . HIS A 1 11 ? -9.994  -3.709  0.375   1.00 0.00 ? 11 HIS A HE2  1 
ATOM 180 N N    . GLY A 1 12 ? -8.598  3.588   1.302   1.00 0.00 ? 12 GLY A N    1 
ATOM 181 C CA   . GLY A 1 12 ? -8.703  4.998   1.665   1.00 0.00 ? 12 GLY A CA   1 
ATOM 182 C C    . GLY A 1 12 ? -7.727  5.463   2.741   1.00 0.00 ? 12 GLY A C    1 
ATOM 183 O O    . GLY A 1 12 ? -8.140  5.856   3.831   1.00 0.00 ? 12 GLY A O    1 
ATOM 184 H H    . GLY A 1 12 ? -8.131  2.958   1.890   1.00 0.00 ? 12 GLY A H    1 
ATOM 185 H HA2  . GLY A 1 12 ? -8.531  5.584   0.782   1.00 0.00 ? 12 GLY A HA2  1 
ATOM 186 H HA3  . GLY A 1 12 ? -9.711  5.187   2.008   1.00 0.00 ? 12 GLY A HA3  1 
ATOM 187 N N    . ILE A 1 13 ? -6.436  5.454   2.418   1.00 0.00 ? 13 ILE A N    1 
ATOM 188 C CA   . ILE A 1 13 ? -5.385  5.905   3.338   1.00 0.00 ? 13 ILE A CA   1 
ATOM 189 C C    . ILE A 1 13 ? -4.117  6.250   2.549   1.00 0.00 ? 13 ILE A C    1 
ATOM 190 O O    . ILE A 1 13 ? -3.129  5.517   2.588   1.00 0.00 ? 13 ILE A O    1 
ATOM 191 C CB   . ILE A 1 13 ? -5.012  4.851   4.416   1.00 0.00 ? 13 ILE A CB   1 
ATOM 192 C CG1  . ILE A 1 13 ? -6.214  4.419   5.252   1.00 0.00 ? 13 ILE A CG1  1 
ATOM 193 C CG2  . ILE A 1 13 ? -3.922  5.389   5.336   1.00 0.00 ? 13 ILE A CG2  1 
ATOM 194 C CD1  . ILE A 1 13 ? -7.092  3.385   4.582   1.00 0.00 ? 13 ILE A CD1  1 
ATOM 195 H H    . ILE A 1 13 ? -6.180  5.161   1.524   1.00 0.00 ? 13 ILE A H    1 
ATOM 196 H HA   . ILE A 1 13 ? -5.741  6.792   3.832   1.00 0.00 ? 13 ILE A HA   1 
ATOM 197 H HB   . ILE A 1 13 ? -4.621  3.989   3.912   1.00 0.00 ? 13 ILE A HB   1 
ATOM 198 H HG12 . ILE A 1 13 ? -5.852  3.993   6.170   1.00 0.00 ? 13 ILE A HG12 1 
ATOM 199 H HG13 . ILE A 1 13 ? -6.815  5.276   5.480   1.00 0.00 ? 13 ILE A HG13 1 
ATOM 200 H HG21 . ILE A 1 13 ? -4.368  5.744   6.253   1.00 0.00 ? 13 ILE A HG21 1 
ATOM 201 H HG22 . ILE A 1 13 ? -3.407  6.204   4.850   1.00 0.00 ? 13 ILE A HG22 1 
ATOM 202 H HG23 . ILE A 1 13 ? -3.218  4.602   5.559   1.00 0.00 ? 13 ILE A HG23 1 
ATOM 203 H HD11 . ILE A 1 13 ? -7.112  2.488   5.184   1.00 0.00 ? 13 ILE A HD11 1 
ATOM 204 H HD12 . ILE A 1 13 ? -6.694  3.153   3.606   1.00 0.00 ? 13 ILE A HD12 1 
ATOM 205 H HD13 . ILE A 1 13 ? -8.094  3.772   4.481   1.00 0.00 ? 13 ILE A HD13 1 
ATOM 206 N N    . GLU A 1 14 ? -4.152  7.356   1.821   1.00 0.00 ? 14 GLU A N    1 
ATOM 207 C CA   . GLU A 1 14 ? -2.998  7.759   1.010   1.00 0.00 ? 14 GLU A CA   1 
ATOM 208 C C    . GLU A 1 14 ? -1.802  8.128   1.870   1.00 0.00 ? 14 GLU A C    1 
ATOM 209 O O    . GLU A 1 14 ? -1.946  8.609   2.994   1.00 0.00 ? 14 GLU A O    1 
ATOM 210 C CB   . GLU A 1 14 ? -3.334  8.904   0.041   1.00 0.00 ? 14 GLU A CB   1 
ATOM 211 C CG   . GLU A 1 14 ? -4.428  9.856   0.510   1.00 0.00 ? 14 GLU A CG   1 
ATOM 212 C CD   . GLU A 1 14 ? -4.032  10.663  1.732   1.00 0.00 ? 14 GLU A CD   1 
ATOM 213 O OE1  . GLU A 1 14 ? -2.842  10.629  2.107   1.00 0.00 ? 14 GLU A OE1  1 
ATOM 214 O OE2  . GLU A 1 14 ? -4.909  11.347  2.301   1.00 0.00 ? 14 GLU A OE2  1 
ATOM 215 H H    . GLU A 1 14 ? -4.964  7.895   1.819   1.00 0.00 ? 14 GLU A H    1 
ATOM 216 H HA   . GLU A 1 14 ? -2.722  6.898   0.422   1.00 0.00 ? 14 GLU A HA   1 
ATOM 217 H HB2  . GLU A 1 14 ? -2.439  9.485   -0.122  1.00 0.00 ? 14 GLU A HB2  1 
ATOM 218 H HB3  . GLU A 1 14 ? -3.637  8.473   -0.898  1.00 0.00 ? 14 GLU A HB3  1 
ATOM 219 H HG2  . GLU A 1 14 ? -4.653  10.542  -0.292  1.00 0.00 ? 14 GLU A HG2  1 
ATOM 220 H HG3  . GLU A 1 14 ? -5.313  9.284   0.744   1.00 0.00 ? 14 GLU A HG3  1 
ATOM 221 N N    . ASP A 1 15 ? -0.614  7.861   1.337   1.00 0.00 ? 15 ASP A N    1 
ATOM 222 C CA   . ASP A 1 15 ? 0.626   8.131   2.061   1.00 0.00 ? 15 ASP A CA   1 
ATOM 223 C C    . ASP A 1 15 ? 1.853   7.980   1.163   1.00 0.00 ? 15 ASP A C    1 
ATOM 224 O O    . ASP A 1 15 ? 2.683   7.099   1.378   1.00 0.00 ? 15 ASP A O    1 
ATOM 225 C CB   . ASP A 1 15 ? 0.752   7.210   3.264   1.00 0.00 ? 15 ASP A CB   1 
ATOM 226 C CG   . ASP A 1 15 ? 1.792   7.690   4.249   1.00 0.00 ? 15 ASP A CG   1 
ATOM 227 O OD1  . ASP A 1 15 ? 2.955   7.884   3.835   1.00 0.00 ? 15 ASP A OD1  1 
ATOM 228 O OD2  . ASP A 1 15 ? 1.444   7.873   5.434   1.00 0.00 ? 15 ASP A OD2  1 
ATOM 229 H H    . ASP A 1 15 ? -0.576  7.457   0.443   1.00 0.00 ? 15 ASP A H    1 
ATOM 230 H HA   . ASP A 1 15 ? 0.579   9.150   2.408   1.00 0.00 ? 15 ASP A HA   1 
ATOM 231 H HB2  . ASP A 1 15 ? -0.199  7.151   3.767   1.00 0.00 ? 15 ASP A HB2  1 
ATOM 232 H HB3  . ASP A 1 15 ? 1.040   6.235   2.922   1.00 0.00 ? 15 ASP A HB3  1 
ATOM 233 N N    . SER A 1 16 ? 1.950   8.844   0.164   1.00 0.00 ? 16 SER A N    1 
ATOM 234 C CA   . SER A 1 16 ? 3.059   8.852   -0.779  1.00 0.00 ? 16 SER A CA   1 
ATOM 235 C C    . SER A 1 16 ? 3.102   7.608   -1.656  1.00 0.00 ? 16 SER A C    1 
ATOM 236 O O    . SER A 1 16 ? 2.327   7.453   -2.598  1.00 0.00 ? 16 SER A O    1 
ATOM 237 C CB   . SER A 1 16 ? 4.398   8.998   -0.047  1.00 0.00 ? 16 SER A CB   1 
ATOM 238 O OG   . SER A 1 16 ? 4.572   7.977   0.917   1.00 0.00 ? 16 SER A OG   1 
ATOM 239 H H    . SER A 1 16 ? 1.264   9.508   0.067   1.00 0.00 ? 16 SER A H    1 
ATOM 240 H HA   . SER A 1 16 ? 2.930   9.710   -1.416  1.00 0.00 ? 16 SER A HA   1 
ATOM 241 H HB2  . SER A 1 16 ? 5.198   8.917   -0.766  1.00 0.00 ? 16 SER A HB2  1 
ATOM 242 H HB3  . SER A 1 16 ? 4.451   9.951   0.442   1.00 0.00 ? 16 SER A HB3  1 
ATOM 243 H HG   . SER A 1 16 ? 4.270   8.289   1.774   1.00 0.00 ? 16 SER A HG   1 
ATOM 244 N N    . GLU A 1 17 ? 4.059   6.755   -1.347  1.00 0.00 ? 17 GLU A N    1 
ATOM 245 C CA   . GLU A 1 17 ? 4.308   5.535   -2.080  1.00 0.00 ? 17 GLU A CA   1 
ATOM 246 C C    . GLU A 1 17 ? 3.224   4.496   -1.800  1.00 0.00 ? 17 GLU A C    1 
ATOM 247 O O    . GLU A 1 17 ? 2.611   4.498   -0.732  1.00 0.00 ? 17 GLU A O    1 
ATOM 248 C CB   . GLU A 1 17 ? 5.700   5.045   -1.691  1.00 0.00 ? 17 GLU A CB   1 
ATOM 249 C CG   . GLU A 1 17 ? 6.714   6.185   -1.660  1.00 0.00 ? 17 GLU A CG   1 
ATOM 250 C CD   . GLU A 1 17 ? 6.962   6.783   -3.032  1.00 0.00 ? 17 GLU A CD   1 
ATOM 251 O OE1  . GLU A 1 17 ? 6.331   6.322   -4.007  1.00 0.00 ? 17 GLU A OE1  1 
ATOM 252 O OE2  . GLU A 1 17 ? 7.786   7.716   -3.131  1.00 0.00 ? 17 GLU A OE2  1 
ATOM 253 H H    . GLU A 1 17 ? 4.645   6.969   -0.598  1.00 0.00 ? 17 GLU A H    1 
ATOM 254 H HA   . GLU A 1 17 ? 4.307   5.773   -3.130  1.00 0.00 ? 17 GLU A HA   1 
ATOM 255 H HB2  . GLU A 1 17 ? 5.656   4.591   -0.715  1.00 0.00 ? 17 GLU A HB2  1 
ATOM 256 H HB3  . GLU A 1 17 ? 6.044   4.315   -2.410  1.00 0.00 ? 17 GLU A HB3  1 
ATOM 257 H HG2  . GLU A 1 17 ? 6.344   6.961   -1.012  1.00 0.00 ? 17 GLU A HG2  1 
ATOM 258 H HG3  . GLU A 1 17 ? 7.640   5.822   -1.271  1.00 0.00 ? 17 GLU A HG3  1 
ATOM 259 N N    . ALA A 1 18 ? 2.967   3.630   -2.777  1.00 0.00 ? 18 ALA A N    1 
ATOM 260 C CA   . ALA A 1 18 ? 1.933   2.613   -2.643  1.00 0.00 ? 18 ALA A CA   1 
ATOM 261 C C    . ALA A 1 18 ? 2.437   1.380   -1.917  1.00 0.00 ? 18 ALA A C    1 
ATOM 262 O O    . ALA A 1 18 ? 2.140   1.166   -0.742  1.00 0.00 ? 18 ALA A O    1 
ATOM 263 C CB   . ALA A 1 18 ? 1.389   2.226   -4.013  1.00 0.00 ? 18 ALA A CB   1 
ATOM 264 H H    . ALA A 1 18 ? 3.469   3.689   -3.610  1.00 0.00 ? 18 ALA A H    1 
ATOM 265 H HA   . ALA A 1 18 ? 1.131   3.036   -2.077  1.00 0.00 ? 18 ALA A HA   1 
ATOM 266 H HB1  . ALA A 1 18 ? 1.693   1.215   -4.252  1.00 0.00 ? 18 ALA A HB1  1 
ATOM 267 H HB2  . ALA A 1 18 ? 1.777   2.901   -4.757  1.00 0.00 ? 18 ALA A HB2  1 
ATOM 268 H HB3  . ALA A 1 18 ? 0.310   2.283   -4.004  1.00 0.00 ? 18 ALA A HB3  1 
ATOM 269 N N    . GLY A 1 19 ? 3.189   0.568   -2.629  1.00 0.00 ? 19 GLY A N    1 
ATOM 270 C CA   . GLY A 1 19 ? 3.714   -0.642  -2.047  1.00 0.00 ? 19 GLY A CA   1 
ATOM 271 C C    . GLY A 1 19 ? 4.884   -1.201  -2.813  1.00 0.00 ? 19 GLY A C    1 
ATOM 272 O O    . GLY A 1 19 ? 5.983   -0.654  -2.763  1.00 0.00 ? 19 GLY A O    1 
ATOM 273 H H    . GLY A 1 19 ? 3.381   0.793   -3.560  1.00 0.00 ? 19 GLY A H    1 
ATOM 274 H HA2  . GLY A 1 19 ? 4.032   -0.430  -1.043  1.00 0.00 ? 19 GLY A HA2  1 
ATOM 275 H HA3  . GLY A 1 19 ? 2.931   -1.384  -2.016  1.00 0.00 ? 19 GLY A HA3  1 
ATOM 276 N N    . SER A 1 20 ? 4.649   -2.299  -3.513  1.00 0.00 ? 20 SER A N    1 
ATOM 277 C CA   . SER A 1 20 ? 5.684   -2.945  -4.277  1.00 0.00 ? 20 SER A CA   1 
ATOM 278 C C    . SER A 1 20 ? 5.086   -3.972  -5.219  1.00 0.00 ? 20 SER A C    1 
ATOM 279 O O    . SER A 1 20 ? 4.032   -4.549  -4.952  1.00 0.00 ? 20 SER A O    1 
ATOM 280 C CB   . SER A 1 20 ? 6.731   -3.572  -3.366  1.00 0.00 ? 20 SER A CB   1 
ATOM 281 O OG   . SER A 1 20 ? 6.148   -4.496  -2.470  1.00 0.00 ? 20 SER A OG   1 
ATOM 282 H H    . SER A 1 20 ? 3.758   -2.691  -3.512  1.00 0.00 ? 20 SER A H    1 
ATOM 283 H HA   . SER A 1 20 ? 6.161   -2.184  -4.874  1.00 0.00 ? 20 SER A HA   1 
ATOM 284 H HB2  . SER A 1 20 ? 7.470   -4.080  -3.970  1.00 0.00 ? 20 SER A HB2  1 
ATOM 285 H HB3  . SER A 1 20 ? 7.213   -2.788  -2.798  1.00 0.00 ? 20 SER A HB3  1 
ATOM 286 H HG   . SER A 1 20 ? 6.560   -4.408  -1.609  1.00 0.00 ? 20 SER A HG   1 
ATOM 287 N N    . ALA A 1 21 ? 5.768   -4.138  -6.336  1.00 0.00 ? 21 ALA A N    1 
ATOM 288 C CA   . ALA A 1 21 ? 5.372   -5.039  -7.422  1.00 0.00 ? 21 ALA A CA   1 
ATOM 289 C C    . ALA A 1 21 ? 4.005   -5.670  -7.197  1.00 0.00 ? 21 ALA A C    1 
ATOM 290 O O    . ALA A 1 21 ? 3.888   -6.873  -6.980  1.00 0.00 ? 21 ALA A O    1 
ATOM 291 C CB   . ALA A 1 21 ? 6.431   -6.115  -7.620  1.00 0.00 ? 21 ALA A CB   1 
ATOM 292 H H    . ALA A 1 21 ? 6.570   -3.603  -6.449  1.00 0.00 ? 21 ALA A H    1 
ATOM 293 H HA   . ALA A 1 21 ? 5.331   -4.460  -8.317  1.00 0.00 ? 21 ALA A HA   1 
ATOM 294 H HB1  . ALA A 1 21 ? 7.282   -5.905  -6.990  1.00 0.00 ? 21 ALA A HB1  1 
ATOM 295 H HB2  . ALA A 1 21 ? 6.742   -6.123  -8.654  1.00 0.00 ? 21 ALA A HB2  1 
ATOM 296 H HB3  . ALA A 1 21 ? 6.022   -7.080  -7.361  1.00 0.00 ? 21 ALA A HB3  1 
ATOM 297 N N    . ASP A 1 22 ? 2.968   -4.836  -7.252  1.00 0.00 ? 22 ASP A N    1 
ATOM 298 C CA   . ASP A 1 22 ? 1.614   -5.311  -7.055  1.00 0.00 ? 22 ASP A CA   1 
ATOM 299 C C    . ASP A 1 22 ? 0.617   -4.574  -7.944  1.00 0.00 ? 22 ASP A C    1 
ATOM 300 O O    . ASP A 1 22 ? 0.791   -3.392  -8.240  1.00 0.00 ? 22 ASP A O    1 
ATOM 301 C CB   . ASP A 1 22 ? 1.213   -5.214  -5.581  1.00 0.00 ? 22 ASP A CB   1 
ATOM 302 C CG   . ASP A 1 22 ? -0.167  -5.784  -5.313  1.00 0.00 ? 22 ASP A CG   1 
ATOM 303 O OD1  . ASP A 1 22 ? -0.713  -6.466  -6.205  1.00 0.00 ? 22 ASP A OD1  1 
ATOM 304 O OD2  . ASP A 1 22 ? -0.696  -5.560  -4.204  1.00 0.00 ? 22 ASP A OD2  1 
ATOM 305 H H    . ASP A 1 22 ? 3.121   -3.889  -7.429  1.00 0.00 ? 22 ASP A H    1 
ATOM 306 H HA   . ASP A 1 22 ? 1.616   -6.331  -7.348  1.00 0.00 ? 22 ASP A HA   1 
ATOM 307 H HB2  . ASP A 1 22 ? 1.927   -5.763  -4.988  1.00 0.00 ? 22 ASP A HB2  1 
ATOM 308 H HB3  . ASP A 1 22 ? 1.223   -4.180  -5.276  1.00 0.00 ? 22 ASP A HB3  1 
ATOM 309 N N    . SER A 1 23 ? -0.395  -5.319  -8.406  1.00 0.00 ? 23 SER A N    1 
ATOM 310 C CA   . SER A 1 23 ? -1.416  -4.807  -9.316  1.00 0.00 ? 23 SER A CA   1 
ATOM 311 C C    . SER A 1 23 ? -2.593  -4.149  -8.607  1.00 0.00 ? 23 SER A C    1 
ATOM 312 O O    . SER A 1 23 ? -3.683  -4.713  -8.522  1.00 0.00 ? 23 SER A O    1 
ATOM 313 C CB   . SER A 1 23 ? -1.959  -5.947  -10.182 1.00 0.00 ? 23 SER A CB   1 
ATOM 314 O OG   . SER A 1 23 ? -2.693  -6.878  -9.400  1.00 0.00 ? 23 SER A OG   1 
ATOM 315 H H    . SER A 1 23 ? -0.418  -6.254  -8.171  1.00 0.00 ? 23 SER A H    1 
ATOM 316 H HA   . SER A 1 23 ? -0.953  -4.090  -9.937  1.00 0.00 ? 23 SER A HA   1 
ATOM 317 H HB2  . SER A 1 23 ? -2.611  -5.541  -10.940 1.00 0.00 ? 23 SER A HB2  1 
ATOM 318 H HB3  . SER A 1 23 ? -1.138  -6.463  -10.651 1.00 0.00 ? 23 SER A HB3  1 
ATOM 319 H HG   . SER A 1 23 ? -2.389  -6.844  -8.489  1.00 0.00 ? 23 SER A HG   1 
ATOM 320 N N    . TYR A 1 24 ? -2.361  -2.930  -8.143  1.00 0.00 ? 24 TYR A N    1 
ATOM 321 C CA   . TYR A 1 24 ? -3.383  -2.135  -7.483  1.00 0.00 ? 24 TYR A CA   1 
ATOM 322 C C    . TYR A 1 24 ? -2.973  -0.657  -7.498  1.00 0.00 ? 24 TYR A C    1 
ATOM 323 O O    . TYR A 1 24 ? -1.820  -0.329  -7.216  1.00 0.00 ? 24 TYR A O    1 
ATOM 324 C CB   . TYR A 1 24 ? -3.627  -2.619  -6.045  1.00 0.00 ? 24 TYR A CB   1 
ATOM 325 C CG   . TYR A 1 24 ? -4.195  -4.015  -5.934  1.00 0.00 ? 24 TYR A CG   1 
ATOM 326 C CD1  . TYR A 1 24 ? -3.360  -5.122  -5.951  1.00 0.00 ? 24 TYR A CD1  1 
ATOM 327 C CD2  . TYR A 1 24 ? -5.557  -4.223  -5.785  1.00 0.00 ? 24 TYR A CD2  1 
ATOM 328 C CE1  . TYR A 1 24 ? -3.866  -6.401  -5.831  1.00 0.00 ? 24 TYR A CE1  1 
ATOM 329 C CE2  . TYR A 1 24 ? -6.073  -5.498  -5.659  1.00 0.00 ? 24 TYR A CE2  1 
ATOM 330 C CZ   . TYR A 1 24 ? -5.223  -6.584  -5.683  1.00 0.00 ? 24 TYR A CZ   1 
ATOM 331 O OH   . TYR A 1 24 ? -5.731  -7.856  -5.556  1.00 0.00 ? 24 TYR A OH   1 
ATOM 332 H H    . TYR A 1 24 ? -1.479  -2.537  -8.282  1.00 0.00 ? 24 TYR A H    1 
ATOM 333 H HA   . TYR A 1 24 ? -4.294  -2.247  -8.053  1.00 0.00 ? 24 TYR A HA   1 
ATOM 334 H HB2  . TYR A 1 24 ? -2.693  -2.621  -5.514  1.00 0.00 ? 24 TYR A HB2  1 
ATOM 335 H HB3  . TYR A 1 24 ? -4.312  -1.942  -5.558  1.00 0.00 ? 24 TYR A HB3  1 
ATOM 336 H HD1  . TYR A 1 24 ? -2.299  -4.973  -6.070  1.00 0.00 ? 24 TYR A HD1  1 
ATOM 337 H HD2  . TYR A 1 24 ? -6.221  -3.370  -5.771  1.00 0.00 ? 24 TYR A HD2  1 
ATOM 338 H HE1  . TYR A 1 24 ? -3.199  -7.250  -5.849  1.00 0.00 ? 24 TYR A HE1  1 
ATOM 339 H HE2  . TYR A 1 24 ? -7.137  -5.640  -5.543  1.00 0.00 ? 24 TYR A HE2  1 
ATOM 340 H HH   . TYR A 1 24 ? -6.017  -7.996  -4.650  1.00 0.00 ? 24 TYR A HH   1 
ATOM 341 N N    . THR A 1 25 ? -3.904  0.239   -7.821  1.00 0.00 ? 25 THR A N    1 
ATOM 342 C CA   . THR A 1 25 ? -3.605  1.653   -7.850  1.00 0.00 ? 25 THR A CA   1 
ATOM 343 C C    . THR A 1 25 ? -3.948  2.239   -6.504  1.00 0.00 ? 25 THR A C    1 
ATOM 344 O O    . THR A 1 25 ? -4.692  1.629   -5.748  1.00 0.00 ? 25 THR A O    1 
ATOM 345 C CB   . THR A 1 25 ? -4.364  2.408   -8.959  1.00 0.00 ? 25 THR A CB   1 
ATOM 346 O OG1  . THR A 1 25 ? -4.079  1.832   -10.241 1.00 0.00 ? 25 THR A OG1  1 
ATOM 347 C CG2  . THR A 1 25 ? -3.972  3.875   -8.973  1.00 0.00 ? 25 THR A CG2  1 
ATOM 348 H H    . THR A 1 25 ? -4.802  -0.051  -8.025  1.00 0.00 ? 25 THR A H    1 
ATOM 349 H HA   . THR A 1 25 ? -2.549  1.757   -8.018  1.00 0.00 ? 25 THR A HA   1 
ATOM 350 H HB   . THR A 1 25 ? -5.419  2.336   -8.761  1.00 0.00 ? 25 THR A HB   1 
ATOM 351 H HG1  . THR A 1 25 ? -3.810  0.922   -10.124 1.00 0.00 ? 25 THR A HG1  1 
ATOM 352 H HG21 . THR A 1 25 ? -2.897  3.963   -9.032  1.00 0.00 ? 25 THR A HG21 1 
ATOM 353 H HG22 . THR A 1 25 ? -4.317  4.345   -8.069  1.00 0.00 ? 25 THR A HG22 1 
ATOM 354 H HG23 . THR A 1 25 ? -4.426  4.360   -9.826  1.00 0.00 ? 25 THR A HG23 1 
ATOM 355 N N    . SER A 1 26 ? -3.382  3.396   -6.207  1.00 0.00 ? 26 SER A N    1 
ATOM 356 C CA   . SER A 1 26 ? -3.579  4.056   -4.918  1.00 0.00 ? 26 SER A CA   1 
ATOM 357 C C    . SER A 1 26 ? -5.035  4.410   -4.637  1.00 0.00 ? 26 SER A C    1 
ATOM 358 O O    . SER A 1 26 ? -5.475  4.354   -3.489  1.00 0.00 ? 26 SER A O    1 
ATOM 359 C CB   . SER A 1 26 ? -2.737  5.327   -4.873  1.00 0.00 ? 26 SER A CB   1 
ATOM 360 O OG   . SER A 1 26 ? -2.882  5.994   -3.631  1.00 0.00 ? 26 SER A OG   1 
ATOM 361 H H    . SER A 1 26 ? -2.782  3.810   -6.866  1.00 0.00 ? 26 SER A H    1 
ATOM 362 H HA   . SER A 1 26 ? -3.231  3.386   -4.151  1.00 0.00 ? 26 SER A HA   1 
ATOM 363 H HB2  . SER A 1 26 ? -1.699  5.074   -5.016  1.00 0.00 ? 26 SER A HB2  1 
ATOM 364 H HB3  . SER A 1 26 ? -3.059  5.990   -5.665  1.00 0.00 ? 26 SER A HB3  1 
ATOM 365 H HG   . SER A 1 26 ? -2.960  6.938   -3.784  1.00 0.00 ? 26 SER A HG   1 
ATOM 366 N N    . ARG A 1 27 ? -5.779  4.781   -5.663  1.00 0.00 ? 27 ARG A N    1 
ATOM 367 C CA   . ARG A 1 27 ? -7.174  5.146   -5.471  1.00 0.00 ? 27 ARG A CA   1 
ATOM 368 C C    . ARG A 1 27 ? -7.975  5.114   -6.772  1.00 0.00 ? 27 ARG A C    1 
ATOM 369 O O    . ARG A 1 27 ? -9.095  4.603   -6.799  1.00 0.00 ? 27 ARG A O    1 
ATOM 370 C CB   . ARG A 1 27 ? -7.269  6.540   -4.832  1.00 0.00 ? 27 ARG A CB   1 
ATOM 371 C CG   . ARG A 1 27 ? -8.689  7.050   -4.661  1.00 0.00 ? 27 ARG A CG   1 
ATOM 372 C CD   . ARG A 1 27 ? -9.306  6.556   -3.370  1.00 0.00 ? 27 ARG A CD   1 
ATOM 373 N NE   . ARG A 1 27 ? -8.654  7.142   -2.202  1.00 0.00 ? 27 ARG A NE   1 
ATOM 374 C CZ   . ARG A 1 27 ? -9.150  7.090   -0.970  1.00 0.00 ? 27 ARG A CZ   1 
ATOM 375 N NH1  . ARG A 1 27 ? -10.304 6.475   -0.736  1.00 0.00 ? 27 ARG A NH1  1 
ATOM 376 N NH2  . ARG A 1 27 ? -8.494  7.657   0.034   1.00 0.00 ? 27 ARG A NH2  1 
ATOM 377 H H    . ARG A 1 27 ? -5.389  4.812   -6.553  1.00 0.00 ? 27 ARG A H    1 
ATOM 378 H HA   . ARG A 1 27 ? -7.596  4.434   -4.795  1.00 0.00 ? 27 ARG A HA   1 
ATOM 379 H HB2  . ARG A 1 27 ? -6.808  6.505   -3.856  1.00 0.00 ? 27 ARG A HB2  1 
ATOM 380 H HB3  . ARG A 1 27 ? -6.735  7.246   -5.439  1.00 0.00 ? 27 ARG A HB3  1 
ATOM 381 H HG2  . ARG A 1 27 ? -8.675  8.130   -4.650  1.00 0.00 ? 27 ARG A HG2  1 
ATOM 382 H HG3  . ARG A 1 27 ? -9.289  6.706   -5.490  1.00 0.00 ? 27 ARG A HG3  1 
ATOM 383 H HD2  . ARG A 1 27 ? -10.352 6.818   -3.360  1.00 0.00 ? 27 ARG A HD2  1 
ATOM 384 H HD3  . ARG A 1 27 ? -9.200  5.483   -3.329  1.00 0.00 ? 27 ARG A HD3  1 
ATOM 385 H HE   . ARG A 1 27 ? -7.798  7.598   -2.343  1.00 0.00 ? 27 ARG A HE   1 
ATOM 386 H HH11 . ARG A 1 27 ? -10.804 6.047   -1.489  1.00 0.00 ? 27 ARG A HH11 1 
ATOM 387 H HH12 . ARG A 1 27 ? -10.674 6.441   0.192   1.00 0.00 ? 27 ARG A HH12 1 
ATOM 388 H HH21 . ARG A 1 27 ? -7.628  8.125   -0.135  1.00 0.00 ? 27 ARG A HH21 1 
ATOM 389 H HH22 . ARG A 1 27 ? -8.865  7.611   0.963   1.00 0.00 ? 27 ARG A HH22 1 
ATOM 390 N N    . PRO A 1 28 ? -7.444  5.699   -7.856  1.00 0.00 ? 28 PRO A N    1 
ATOM 391 C CA   . PRO A 1 28 ? -8.148  5.768   -9.134  1.00 0.00 ? 28 PRO A CA   1 
ATOM 392 C C    . PRO A 1 28 ? -8.275  4.443   -9.888  1.00 0.00 ? 28 PRO A C    1 
ATOM 393 O O    . PRO A 1 28 ? -9.093  4.357   -10.804 1.00 0.00 ? 28 PRO A O    1 
ATOM 394 C CB   . PRO A 1 28 ? -7.325  6.764   -9.960  1.00 0.00 ? 28 PRO A CB   1 
ATOM 395 C CG   . PRO A 1 28 ? -6.382  7.405   -8.998  1.00 0.00 ? 28 PRO A CG   1 
ATOM 396 C CD   . PRO A 1 28 ? -6.152  6.389   -7.923  1.00 0.00 ? 28 PRO A CD   1 
ATOM 397 H HA   . PRO A 1 28 ? -9.131  6.173   -9.002  1.00 0.00 ? 28 PRO A HA   1 
ATOM 398 H HB2  . PRO A 1 28 ? -6.799  6.233   -10.730 1.00 0.00 ? 28 PRO A HB2  1 
ATOM 399 H HB3  . PRO A 1 28 ? -7.984  7.494   -10.406 1.00 0.00 ? 28 PRO A HB3  1 
ATOM 400 H HG2  . PRO A 1 28 ? -5.454  7.644   -9.496  1.00 0.00 ? 28 PRO A HG2  1 
ATOM 401 H HG3  . PRO A 1 28 ? -6.827  8.297   -8.582  1.00 0.00 ? 28 PRO A HG3  1 
ATOM 402 H HD2  . PRO A 1 28 ? -5.365  5.714   -8.211  1.00 0.00 ? 28 PRO A HD2  1 
ATOM 403 H HD3  . PRO A 1 28 ? -5.918  6.867   -6.988  1.00 0.00 ? 28 PRO A HD3  1 
ATOM 404 N N    . SER A 1 29 ? -7.485  3.408   -9.563  1.00 0.00 ? 29 SER A N    1 
ATOM 405 C CA   . SER A 1 29 ? -7.623  2.171   -10.337 1.00 0.00 ? 29 SER A CA   1 
ATOM 406 C C    . SER A 1 29 ? -6.910  0.917   -9.767  1.00 0.00 ? 29 SER A C    1 
ATOM 407 O O    . SER A 1 29 ? -7.054  0.567   -8.595  1.00 0.00 ? 29 SER A O    1 
ATOM 408 C CB   . SER A 1 29 ? -7.124  2.454   -11.756 1.00 0.00 ? 29 SER A CB   1 
ATOM 409 O OG   . SER A 1 29 ? -7.342  1.346   -12.612 1.00 0.00 ? 29 SER A OG   1 
ATOM 410 H H    . SER A 1 29 ? -6.823  3.483   -8.845  1.00 0.00 ? 29 SER A H    1 
ATOM 411 H HA   . SER A 1 29 ? -8.673  1.958   -10.396 1.00 0.00 ? 29 SER A HA   1 
ATOM 412 H HB2  . SER A 1 29 ? -7.647  3.312   -12.154 1.00 0.00 ? 29 SER A HB2  1 
ATOM 413 H HB3  . SER A 1 29 ? -6.063  2.665   -11.717 1.00 0.00 ? 29 SER A HB3  1 
ATOM 414 H HG   . SER A 1 29 ? -6.750  1.403   -13.365 1.00 0.00 ? 29 SER A HG   1 
ATOM 415 N N    . ASP A 1 30 ? -6.166  0.253   -10.664 1.00 0.00 ? 30 ASP A N    1 
ATOM 416 C CA   . ASP A 1 30 ? -5.418  -0.973  -10.411 1.00 0.00 ? 30 ASP A CA   1 
ATOM 417 C C    . ASP A 1 30 ? -4.206  -1.010  -11.336 1.00 0.00 ? 30 ASP A C    1 
ATOM 418 O O    . ASP A 1 30 ? -4.353  -0.890  -12.544 1.00 0.00 ? 30 ASP A O    1 
ATOM 419 C CB   . ASP A 1 30 ? -6.302  -2.195  -10.669 1.00 0.00 ? 30 ASP A CB   1 
ATOM 420 C CG   . ASP A 1 30 ? -7.535  -2.214  -9.789  1.00 0.00 ? 30 ASP A CG   1 
ATOM 421 O OD1  . ASP A 1 30 ? -7.379  -2.233  -8.550  1.00 0.00 ? 30 ASP A OD1  1 
ATOM 422 O OD2  . ASP A 1 30 ? -8.657  -2.206  -10.338 1.00 0.00 ? 30 ASP A OD2  1 
ATOM 423 H H    . ASP A 1 30 ? -6.129  0.607   -11.551 1.00 0.00 ? 30 ASP A H    1 
ATOM 424 H HA   . ASP A 1 30 ? -5.092  -0.983  -9.404  1.00 0.00 ? 30 ASP A HA   1 
ATOM 425 H HB2  . ASP A 1 30 ? -6.620  -2.189  -11.701 1.00 0.00 ? 30 ASP A HB2  1 
ATOM 426 H HB3  . ASP A 1 30 ? -5.732  -3.093  -10.478 1.00 0.00 ? 30 ASP A HB3  1 
ATOM 427 N N    . SER A 1 31 ? -3.014  -1.159  -10.775 1.00 0.00 ? 31 SER A N    1 
ATOM 428 C CA   . SER A 1 31 ? -1.797  -1.189  -11.576 1.00 0.00 ? 31 SER A CA   1 
ATOM 429 C C    . SER A 1 31 ? -0.718  -2.019  -10.896 1.00 0.00 ? 31 SER A C    1 
ATOM 430 O O    . SER A 1 31 ? -0.455  -1.845  -9.704  1.00 0.00 ? 31 SER A O    1 
ATOM 431 C CB   . SER A 1 31 ? -1.288  0.232   -11.823 1.00 0.00 ? 31 SER A CB   1 
ATOM 432 O OG   . SER A 1 31 ? -0.080  0.220   -12.565 1.00 0.00 ? 31 SER A OG   1 
ATOM 433 H H    . SER A 1 31 ? -2.948  -1.241  -9.809  1.00 0.00 ? 31 SER A H    1 
ATOM 434 H HA   . SER A 1 31 ? -2.041  -1.642  -12.518 1.00 0.00 ? 31 SER A HA   1 
ATOM 435 H HB2  . SER A 1 31 ? -2.030  0.786   -12.376 1.00 0.00 ? 31 SER A HB2  1 
ATOM 436 H HB3  . SER A 1 31 ? -1.109  0.716   -10.874 1.00 0.00 ? 31 SER A HB3  1 
ATOM 437 H HG   . SER A 1 31 ? -0.126  -0.462  -13.239 1.00 0.00 ? 31 SER A HG   1 
ATOM 438 N N    . ASP A 1 32 ? -0.106  -2.934  -11.650 1.00 0.00 ? 32 ASP A N    1 
ATOM 439 C CA   . ASP A 1 32 ? 0.934   -3.793  -11.103 1.00 0.00 ? 32 ASP A CA   1 
ATOM 440 C C    . ASP A 1 32 ? 2.317   -3.274  -11.399 1.00 0.00 ? 32 ASP A C    1 
ATOM 441 O O    . ASP A 1 32 ? 2.737   -3.272  -12.544 1.00 0.00 ? 32 ASP A O    1 
ATOM 442 C CB   . ASP A 1 32 ? 0.804   -5.216  -11.641 1.00 0.00 ? 32 ASP A CB   1 
ATOM 443 C CG   . ASP A 1 32 ? 0.765   -5.271  -13.156 1.00 0.00 ? 32 ASP A CG   1 
ATOM 444 O OD1  . ASP A 1 32 ? 0.792   -4.195  -13.790 1.00 0.00 ? 32 ASP A OD1  1 
ATOM 445 O OD2  . ASP A 1 32 ? 0.697   -6.389  -13.706 1.00 0.00 ? 32 ASP A OD2  1 
ATOM 446 H H    . ASP A 1 32 ? -0.364  -3.037  -12.583 1.00 0.00 ? 32 ASP A H    1 
ATOM 447 H HA   . ASP A 1 32 ? 0.801   -3.806  -10.053 1.00 0.00 ? 32 ASP A HA   1 
ATOM 448 H HB2  . ASP A 1 32 ? 1.647   -5.799  -11.302 1.00 0.00 ? 32 ASP A HB2  1 
ATOM 449 H HB3  . ASP A 1 32 ? -0.096  -5.651  -11.264 1.00 0.00 ? 32 ASP A HB3  1 
ATOM 450 N N    . VAL A 1 33 ? 3.041   -2.855  -10.362 1.00 0.00 ? 33 VAL A N    1 
ATOM 451 C CA   . VAL A 1 33 ? 4.389   -2.359  -10.567 1.00 0.00 ? 33 VAL A CA   1 
ATOM 452 C C    . VAL A 1 33 ? 5.227   -2.325  -9.286  1.00 0.00 ? 33 VAL A C    1 
ATOM 453 O O    . VAL A 1 33 ? 4.699   -2.140  -8.189  1.00 0.00 ? 33 VAL A O    1 
ATOM 454 C CB   . VAL A 1 33 ? 4.374   -0.969  -11.237 1.00 0.00 ? 33 VAL A CB   1 
ATOM 455 C CG1  . VAL A 1 33 ? 3.603   0.032   -10.387 1.00 0.00 ? 33 VAL A CG1  1 
ATOM 456 C CG2  . VAL A 1 33 ? 5.788   -0.477  -11.515 1.00 0.00 ? 33 VAL A CG2  1 
ATOM 457 H H    . VAL A 1 33 ? 2.668   -2.894  -9.458  1.00 0.00 ? 33 VAL A H    1 
ATOM 458 H HA   . VAL A 1 33 ? 4.849   -3.052  -11.242 1.00 0.00 ? 33 VAL A HA   1 
ATOM 459 H HB   . VAL A 1 33 ? 3.860   -1.062  -12.182 1.00 0.00 ? 33 VAL A HB   1 
ATOM 460 H HG11 . VAL A 1 33 ? 4.258   0.836   -10.092 1.00 0.00 ? 33 VAL A HG11 1 
ATOM 461 H HG12 . VAL A 1 33 ? 3.217   -0.461  -9.506  1.00 0.00 ? 33 VAL A HG12 1 
ATOM 462 H HG13 . VAL A 1 33 ? 2.779   0.430   -10.963 1.00 0.00 ? 33 VAL A HG13 1 
ATOM 463 H HG21 . VAL A 1 33 ? 6.183   -0.985  -12.382 1.00 0.00 ? 33 VAL A HG21 1 
ATOM 464 H HG22 . VAL A 1 33 ? 6.417   -0.679  -10.662 1.00 0.00 ? 33 VAL A HG22 1 
ATOM 465 H HG23 . VAL A 1 33 ? 5.768   0.586   -11.701 1.00 0.00 ? 33 VAL A HG23 1 
ATOM 466 N N    . SER A 1 34 ? 6.545   -2.510  -9.455  1.00 0.00 ? 34 SER A N    1 
ATOM 467 C CA   . SER A 1 34 ? 7.493   -2.522  -8.337  1.00 0.00 ? 34 SER A CA   1 
ATOM 468 C C    . SER A 1 34 ? 7.553   -1.173  -7.625  1.00 0.00 ? 34 SER A C    1 
ATOM 469 O O    . SER A 1 34 ? 8.554   -0.459  -7.700  1.00 0.00 ? 34 SER A O    1 
ATOM 470 C CB   . SER A 1 34 ? 8.889   -2.907  -8.830  1.00 0.00 ? 34 SER A CB   1 
ATOM 471 O OG   . SER A 1 34 ? 9.385   -1.958  -9.755  1.00 0.00 ? 34 SER A OG   1 
ATOM 472 H H    . SER A 1 34 ? 6.888   -2.652  -10.361 1.00 0.00 ? 34 SER A H    1 
ATOM 473 H HA   . SER A 1 34 ? 7.164   -3.268  -7.640  1.00 0.00 ? 34 SER A HA   1 
ATOM 474 H HB2  . SER A 1 34 ? 9.564   -2.955  -7.989  1.00 0.00 ? 34 SER A HB2  1 
ATOM 475 H HB3  . SER A 1 34 ? 8.845   -3.873  -9.312  1.00 0.00 ? 34 SER A HB3  1 
ATOM 476 H HG   . SER A 1 34 ? 10.112  -1.475  -9.358  1.00 0.00 ? 34 SER A HG   1 
ATOM 477 N N    . LEU A 1 35 ? 6.469   -0.833  -6.936  1.00 0.00 ? 35 LEU A N    1 
ATOM 478 C CA   . LEU A 1 35 ? 6.377   0.425   -6.202  1.00 0.00 ? 35 LEU A CA   1 
ATOM 479 C C    . LEU A 1 35 ? 7.162   0.406   -4.880  1.00 0.00 ? 35 LEU A C    1 
ATOM 480 O O    . LEU A 1 35 ? 7.039   1.330   -4.075  1.00 0.00 ? 35 LEU A O    1 
ATOM 481 C CB   . LEU A 1 35 ? 4.910   0.773   -5.960  1.00 0.00 ? 35 LEU A CB   1 
ATOM 482 C CG   . LEU A 1 35 ? 4.111   1.052   -7.238  1.00 0.00 ? 35 LEU A CG   1 
ATOM 483 C CD1  . LEU A 1 35 ? 2.645   1.289   -6.918  1.00 0.00 ? 35 LEU A CD1  1 
ATOM 484 C CD2  . LEU A 1 35 ? 4.696   2.247   -7.980  1.00 0.00 ? 35 LEU A CD2  1 
ATOM 485 H H    . LEU A 1 35 ? 5.707   -1.447  -6.918  1.00 0.00 ? 35 LEU A H    1 
ATOM 486 H HA   . LEU A 1 35 ? 6.806   1.189   -6.831  1.00 0.00 ? 35 LEU A HA   1 
ATOM 487 H HB2  . LEU A 1 35 ? 4.445   -0.051  -5.436  1.00 0.00 ? 35 LEU A HB2  1 
ATOM 488 H HB3  . LEU A 1 35 ? 4.865   1.650   -5.334  1.00 0.00 ? 35 LEU A HB3  1 
ATOM 489 H HG   . LEU A 1 35 ? 4.176   0.190   -7.888  1.00 0.00 ? 35 LEU A HG   1 
ATOM 490 H HD11 . LEU A 1 35 ? 2.344   0.644   -6.108  1.00 0.00 ? 35 LEU A HD11 1 
ATOM 491 H HD12 . LEU A 1 35 ? 2.046   1.075   -7.792  1.00 0.00 ? 35 LEU A HD12 1 
ATOM 492 H HD13 . LEU A 1 35 ? 2.505   2.319   -6.631  1.00 0.00 ? 35 LEU A HD13 1 
ATOM 493 H HD21 . LEU A 1 35 ? 5.385   2.772   -7.333  1.00 0.00 ? 35 LEU A HD21 1 
ATOM 494 H HD22 . LEU A 1 35 ? 3.900   2.916   -8.273  1.00 0.00 ? 35 LEU A HD22 1 
ATOM 495 H HD23 . LEU A 1 35 ? 5.220   1.906   -8.859  1.00 0.00 ? 35 LEU A HD23 1 
ATOM 496 N N    . GLU A 1 36 ? 7.997   -0.622  -4.669  1.00 0.00 ? 36 GLU A N    1 
ATOM 497 C CA   . GLU A 1 36 ? 8.815   -0.717  -3.451  1.00 0.00 ? 36 GLU A CA   1 
ATOM 498 C C    . GLU A 1 36 ? 9.800   0.446   -3.379  1.00 0.00 ? 36 GLU A C    1 
ATOM 499 O O    . GLU A 1 36 ? 10.479  0.650   -2.373  1.00 0.00 ? 36 GLU A O    1 
ATOM 500 C CB   . GLU A 1 36 ? 9.596   -2.033  -3.433  1.00 0.00 ? 36 GLU A CB   1 
ATOM 501 C CG   . GLU A 1 36 ? 10.474  -2.237  -4.656  1.00 0.00 ? 36 GLU A CG   1 
ATOM 502 C CD   . GLU A 1 36 ? 11.180  -3.579  -4.649  1.00 0.00 ? 36 GLU A CD   1 
ATOM 503 O OE1  . GLU A 1 36 ? 10.984  -4.350  -3.686  1.00 0.00 ? 36 GLU A OE1  1 
ATOM 504 O OE2  . GLU A 1 36 ? 11.929  -3.858  -5.608  1.00 0.00 ? 36 GLU A OE2  1 
ATOM 505 H H    . GLU A 1 36 ? 8.077   -1.317  -5.347  1.00 0.00 ? 36 GLU A H    1 
ATOM 506 H HA   . GLU A 1 36 ? 8.158   -0.681  -2.594  1.00 0.00 ? 36 GLU A HA   1 
ATOM 507 H HB2  . GLU A 1 36 ? 10.230  -2.049  -2.559  1.00 0.00 ? 36 GLU A HB2  1 
ATOM 508 H HB3  . GLU A 1 36 ? 8.906   -2.854  -3.376  1.00 0.00 ? 36 GLU A HB3  1 
ATOM 509 H HG2  . GLU A 1 36 ? 9.858   -2.175  -5.540  1.00 0.00 ? 36 GLU A HG2  1 
ATOM 510 H HG3  . GLU A 1 36 ? 11.219  -1.454  -4.682  1.00 0.00 ? 36 GLU A HG3  1 
ATOM 511 N N    . GLU A 1 37 ? 9.870   1.186   -4.473  1.00 0.00 ? 37 GLU A N    1 
ATOM 512 C CA   . GLU A 1 37 ? 10.752  2.332   -4.616  1.00 0.00 ? 37 GLU A CA   1 
ATOM 513 C C    . GLU A 1 37 ? 10.372  3.489   -3.686  1.00 0.00 ? 37 GLU A C    1 
ATOM 514 O O    . GLU A 1 37 ? 10.807  4.623   -3.897  1.00 0.00 ? 37 GLU A O    1 
ATOM 515 C CB   . GLU A 1 37 ? 10.711  2.781   -6.073  1.00 0.00 ? 37 GLU A CB   1 
ATOM 516 C CG   . GLU A 1 37 ? 10.903  1.627   -7.048  1.00 0.00 ? 37 GLU A CG   1 
ATOM 517 C CD   . GLU A 1 37 ? 12.303  1.051   -6.998  1.00 0.00 ? 37 GLU A CD   1 
ATOM 518 O OE1  . GLU A 1 37 ? 13.264  1.809   -7.246  1.00 0.00 ? 37 GLU A OE1  1 
ATOM 519 O OE2  . GLU A 1 37 ? 12.439  -0.157  -6.713  1.00 0.00 ? 37 GLU A OE2  1 
ATOM 520 H H    . GLU A 1 37 ? 9.307   0.947   -5.231  1.00 0.00 ? 37 GLU A H    1 
ATOM 521 H HA   . GLU A 1 37 ? 11.751  2.012   -4.378  1.00 0.00 ? 37 GLU A HA   1 
ATOM 522 H HB2  . GLU A 1 37 ? 9.753   3.241   -6.272  1.00 0.00 ? 37 GLU A HB2  1 
ATOM 523 H HB3  . GLU A 1 37 ? 11.494  3.504   -6.242  1.00 0.00 ? 37 GLU A HB3  1 
ATOM 524 H HG2  . GLU A 1 37 ? 10.200  0.838   -6.793  1.00 0.00 ? 37 GLU A HG2  1 
ATOM 525 H HG3  . GLU A 1 37 ? 10.704  1.977   -8.048  1.00 0.00 ? 37 GLU A HG3  1 
ATOM 526 N N    . ASP A 1 38 ? 9.549   3.218   -2.673  1.00 0.00 ? 38 ASP A N    1 
ATOM 527 C CA   . ASP A 1 38 ? 9.116   4.259   -1.747  1.00 0.00 ? 38 ASP A CA   1 
ATOM 528 C C    . ASP A 1 38 ? 10.289  5.050   -1.187  1.00 0.00 ? 38 ASP A C    1 
ATOM 529 O O    . ASP A 1 38 ? 11.271  4.486   -0.710  1.00 0.00 ? 38 ASP A O    1 
ATOM 530 C CB   . ASP A 1 38 ? 8.285   3.644   -0.602  1.00 0.00 ? 38 ASP A CB   1 
ATOM 531 C CG   . ASP A 1 38 ? 8.207   4.508   0.656   1.00 0.00 ? 38 ASP A CG   1 
ATOM 532 O OD1  . ASP A 1 38 ? 8.578   5.698   0.600   1.00 0.00 ? 38 ASP A OD1  1 
ATOM 533 O OD2  . ASP A 1 38 ? 7.759   3.988   1.698   1.00 0.00 ? 38 ASP A OD2  1 
ATOM 534 H H    . ASP A 1 38 ? 9.217   2.310   -2.553  1.00 0.00 ? 38 ASP A H    1 
ATOM 535 H HA   . ASP A 1 38 ? 8.490   4.932   -2.305  1.00 0.00 ? 38 ASP A HA   1 
ATOM 536 H HB2  . ASP A 1 38 ? 7.274   3.499   -0.953  1.00 0.00 ? 38 ASP A HB2  1 
ATOM 537 H HB3  . ASP A 1 38 ? 8.708   2.690   -0.333  1.00 0.00 ? 38 ASP A HB3  1 
ATOM 538 N N    . ARG A 1 39 ? 10.161  6.375   -1.245  1.00 0.00 ? 39 ARG A N    1 
ATOM 539 C CA   . ARG A 1 39 ? 11.188  7.260   -0.739  1.00 0.00 ? 39 ARG A CA   1 
ATOM 540 C C    . ARG A 1 39 ? 11.490  6.977   0.709   1.00 0.00 ? 39 ARG A C    1 
ATOM 541 O O    . ARG A 1 39 ? 10.589  6.927   1.544   1.00 0.00 ? 39 ARG A O    1 
ATOM 542 C CB   . ARG A 1 39 ? 10.797  8.721   -0.871  1.00 0.00 ? 39 ARG A CB   1 
ATOM 543 C CG   . ARG A 1 39 ? 10.642  9.183   -2.302  1.00 0.00 ? 39 ARG A CG   1 
ATOM 544 C CD   . ARG A 1 39 ? 10.189  10.632  -2.387  1.00 0.00 ? 39 ARG A CD   1 
ATOM 545 N NE   . ARG A 1 39 ? 8.812   10.808  -1.931  1.00 0.00 ? 39 ARG A NE   1 
ATOM 546 C CZ   . ARG A 1 39 ? 8.181   11.980  -1.923  1.00 0.00 ? 39 ARG A CZ   1 
ATOM 547 N NH1  . ARG A 1 39 ? 8.810   13.080  -2.318  1.00 0.00 ? 39 ARG A NH1  1 
ATOM 548 N NH2  . ARG A 1 39 ? 6.919   12.054  -1.521  1.00 0.00 ? 39 ARG A NH2  1 
ATOM 549 H H    . ARG A 1 39 ? 9.350   6.760   -1.630  1.00 0.00 ? 39 ARG A H    1 
ATOM 550 H HA   . ARG A 1 39 ? 12.064  7.090   -1.316  1.00 0.00 ? 39 ARG A HA   1 
ATOM 551 H HB2  . ARG A 1 39 ? 9.877   8.872   -0.352  1.00 0.00 ? 39 ARG A HB2  1 
ATOM 552 H HB3  . ARG A 1 39 ? 11.562  9.325   -0.403  1.00 0.00 ? 39 ARG A HB3  1 
ATOM 553 H HG2  . ARG A 1 39 ? 11.597  9.089   -2.794  1.00 0.00 ? 39 ARG A HG2  1 
ATOM 554 H HG3  . ARG A 1 39 ? 9.916   8.557   -2.793  1.00 0.00 ? 39 ARG A HG3  1 
ATOM 555 H HD2  . ARG A 1 39 ? 10.841  11.236  -1.774  1.00 0.00 ? 39 ARG A HD2  1 
ATOM 556 H HD3  . ARG A 1 39 ? 10.261  10.955  -3.414  1.00 0.00 ? 39 ARG A HD3  1 
ATOM 557 H HE   . ARG A 1 39 ? 8.331   10.012  -1.622  1.00 0.00 ? 39 ARG A HE   1 
ATOM 558 H HH11 . ARG A 1 39 ? 9.761   13.032  -2.623  1.00 0.00 ? 39 ARG A HH11 1 
ATOM 559 H HH12 . ARG A 1 39 ? 8.330   13.957  -2.316  1.00 0.00 ? 39 ARG A HH12 1 
ATOM 560 H HH21 . ARG A 1 39 ? 6.439   11.229  -1.224  1.00 0.00 ? 39 ARG A HH21 1 
ATOM 561 H HH22 . ARG A 1 39 ? 6.448   12.936  -1.514  1.00 0.00 ? 39 ARG A HH22 1 
ATOM 562 N N    . GLU A 1 40 ? 12.759  6.838   1.010   1.00 0.00 ? 40 GLU A N    1 
ATOM 563 C CA   . GLU A 1 40 ? 13.172  6.612   2.379   1.00 0.00 ? 40 GLU A CA   1 
ATOM 564 C C    . GLU A 1 40 ? 12.748  7.795   3.241   1.00 0.00 ? 40 GLU A C    1 
ATOM 565 O O    . GLU A 1 40 ? 12.649  7.685   4.464   1.00 0.00 ? 40 GLU A O    1 
ATOM 566 C CB   . GLU A 1 40 ? 14.674  6.392   2.466   1.00 0.00 ? 40 GLU A CB   1 
ATOM 567 C CG   . GLU A 1 40 ? 15.143  5.132   1.759   1.00 0.00 ? 40 GLU A CG   1 
ATOM 568 C CD   . GLU A 1 40 ? 16.638  4.911   1.884   1.00 0.00 ? 40 GLU A CD   1 
ATOM 569 O OE1  . GLU A 1 40 ? 17.126  4.780   3.025   1.00 0.00 ? 40 GLU A OE1  1 
ATOM 570 O OE2  . GLU A 1 40 ? 17.319  4.870   0.839   1.00 0.00 ? 40 GLU A OE2  1 
ATOM 571 H H    . GLU A 1 40 ? 13.429  6.919   0.304   1.00 0.00 ? 40 GLU A H    1 
ATOM 572 H HA   . GLU A 1 40 ? 12.677  5.737   2.729   1.00 0.00 ? 40 GLU A HA   1 
ATOM 573 H HB2  . GLU A 1 40 ? 15.160  7.231   2.018   1.00 0.00 ? 40 GLU A HB2  1 
ATOM 574 H HB3  . GLU A 1 40 ? 14.961  6.327   3.506   1.00 0.00 ? 40 GLU A HB3  1 
ATOM 575 H HG2  . GLU A 1 40 ? 14.632  4.283   2.188   1.00 0.00 ? 40 GLU A HG2  1 
ATOM 576 H HG3  . GLU A 1 40 ? 14.892  5.210   0.712   1.00 0.00 ? 40 GLU A HG3  1 
ATOM 577 N N    . ALA A 1 41 ? 12.501  8.934   2.591   1.00 0.00 ? 41 ALA A N    1 
ATOM 578 C CA   . ALA A 1 41 ? 12.088  10.130  3.299   1.00 0.00 ? 41 ALA A CA   1 
ATOM 579 C C    . ALA A 1 41 ? 10.681  9.994   3.880   1.00 0.00 ? 41 ALA A C    1 
ATOM 580 O O    . ALA A 1 41 ? 10.497  9.961   5.097   1.00 0.00 ? 41 ALA A O    1 
ATOM 581 C CB   . ALA A 1 41 ? 12.158  11.338  2.374   1.00 0.00 ? 41 ALA A CB   1 
ATOM 582 H H    . ALA A 1 41 ? 12.601  8.967   1.619   1.00 0.00 ? 41 ALA A H    1 
ATOM 583 H HA   . ALA A 1 41 ? 12.779  10.285  4.093   1.00 0.00 ? 41 ALA A HA   1 
ATOM 584 H HB1  . ALA A 1 41 ? 11.480  11.196  1.545   1.00 0.00 ? 41 ALA A HB1  1 
ATOM 585 H HB2  . ALA A 1 41 ? 13.165  11.447  2.002   1.00 0.00 ? 41 ALA A HB2  1 
ATOM 586 H HB3  . ALA A 1 41 ? 11.878  12.225  2.920   1.00 0.00 ? 41 ALA A HB3  1 
ATOM 587 N N    . ILE A 1 42 ? 9.691   9.921   2.994   1.00 0.00 ? 42 ILE A N    1 
ATOM 588 C CA   . ILE A 1 42 ? 8.294   9.796   3.396   1.00 0.00 ? 42 ILE A CA   1 
ATOM 589 C C    . ILE A 1 42 ? 7.859   8.353   3.642   1.00 0.00 ? 42 ILE A C    1 
ATOM 590 O O    . ILE A 1 42 ? 6.666   8.085   3.788   1.00 0.00 ? 42 ILE A O    1 
ATOM 591 C CB   . ILE A 1 42 ? 7.339   10.447  2.373   1.00 0.00 ? 42 ILE A CB   1 
ATOM 592 C CG1  . ILE A 1 42 ? 7.688   10.031  0.941   1.00 0.00 ? 42 ILE A CG1  1 
ATOM 593 C CG2  . ILE A 1 42 ? 7.378   11.961  2.509   1.00 0.00 ? 42 ILE A CG2  1 
ATOM 594 C CD1  . ILE A 1 42 ? 7.535   8.550   0.668   1.00 0.00 ? 42 ILE A CD1  1 
ATOM 595 H H    . ILE A 1 42 ? 9.906   9.957   2.047   1.00 0.00 ? 42 ILE A H    1 
ATOM 596 H HA   . ILE A 1 42 ? 8.188   10.340  4.319   1.00 0.00 ? 42 ILE A HA   1 
ATOM 597 H HB   . ILE A 1 42 ? 6.334   10.121  2.599   1.00 0.00 ? 42 ILE A HB   1 
ATOM 598 H HG12 . ILE A 1 42 ? 7.039   10.555  0.261   1.00 0.00 ? 42 ILE A HG12 1 
ATOM 599 H HG13 . ILE A 1 42 ? 8.710   10.304  0.733   1.00 0.00 ? 42 ILE A HG13 1 
ATOM 600 H HG21 . ILE A 1 42 ? 6.631   12.277  3.221   1.00 0.00 ? 42 ILE A HG21 1 
ATOM 601 H HG22 . ILE A 1 42 ? 7.176   12.413  1.549   1.00 0.00 ? 42 ILE A HG22 1 
ATOM 602 H HG23 . ILE A 1 42 ? 8.355   12.267  2.852   1.00 0.00 ? 42 ILE A HG23 1 
ATOM 603 H HD11 . ILE A 1 42 ? 6.509   8.261   0.821   1.00 0.00 ? 42 ILE A HD11 1 
ATOM 604 H HD12 . ILE A 1 42 ? 8.171   7.990   1.333   1.00 0.00 ? 42 ILE A HD12 1 
ATOM 605 H HD13 . ILE A 1 42 ? 7.816   8.342   -0.354  1.00 0.00 ? 42 ILE A HD13 1 
ATOM 606 N N    . ARG A 1 43 ? 8.806   7.418   3.686   1.00 0.00 ? 43 ARG A N    1 
ATOM 607 C CA   . ARG A 1 43 ? 8.446   6.018   3.898   1.00 0.00 ? 43 ARG A CA   1 
ATOM 608 C C    . ARG A 1 43 ? 7.931   5.809   5.307   1.00 0.00 ? 43 ARG A C    1 
ATOM 609 O O    . ARG A 1 43 ? 7.098   4.934   5.544   1.00 0.00 ? 43 ARG A O    1 
ATOM 610 C CB   . ARG A 1 43 ? 9.624   5.084   3.639   1.00 0.00 ? 43 ARG A CB   1 
ATOM 611 C CG   . ARG A 1 43 ? 10.768  5.269   4.608   1.00 0.00 ? 43 ARG A CG   1 
ATOM 612 C CD   . ARG A 1 43 ? 11.814  4.193   4.420   1.00 0.00 ? 43 ARG A CD   1 
ATOM 613 N NE   . ARG A 1 43 ? 12.988  4.418   5.260   1.00 0.00 ? 43 ARG A NE   1 
ATOM 614 C CZ   . ARG A 1 43 ? 14.107  3.706   5.176   1.00 0.00 ? 43 ARG A CZ   1 
ATOM 615 N NH1  . ARG A 1 43 ? 14.222  2.734   4.280   1.00 0.00 ? 43 ARG A NH1  1 
ATOM 616 N NH2  . ARG A 1 43 ? 15.120  3.969   5.989   1.00 0.00 ? 43 ARG A NH2  1 
ATOM 617 H H    . ARG A 1 43 ? 9.744   7.666   3.562   1.00 0.00 ? 43 ARG A H    1 
ATOM 618 H HA   . ARG A 1 43 ? 7.659   5.777   3.205   1.00 0.00 ? 43 ARG A HA   1 
ATOM 619 H HB2  . ARG A 1 43 ? 9.280   4.064   3.716   1.00 0.00 ? 43 ARG A HB2  1 
ATOM 620 H HB3  . ARG A 1 43 ? 9.994   5.255   2.641   1.00 0.00 ? 43 ARG A HB3  1 
ATOM 621 H HG2  . ARG A 1 43 ? 11.219  6.232   4.437   1.00 0.00 ? 43 ARG A HG2  1 
ATOM 622 H HG3  . ARG A 1 43 ? 10.386  5.219   5.616   1.00 0.00 ? 43 ARG A HG3  1 
ATOM 623 H HD2  . ARG A 1 43 ? 11.373  3.241   4.676   1.00 0.00 ? 43 ARG A HD2  1 
ATOM 624 H HD3  . ARG A 1 43 ? 12.113  4.181   3.386   1.00 0.00 ? 43 ARG A HD3  1 
ATOM 625 H HE   . ARG A 1 43 ? 12.934  5.135   5.927   1.00 0.00 ? 43 ARG A HE   1 
ATOM 626 H HH11 . ARG A 1 43 ? 13.462  2.530   3.663   1.00 0.00 ? 43 ARG A HH11 1 
ATOM 627 H HH12 . ARG A 1 43 ? 15.070  2.206   4.219   1.00 0.00 ? 43 ARG A HH12 1 
ATOM 628 H HH21 . ARG A 1 43 ? 15.040  4.703   6.665   1.00 0.00 ? 43 ARG A HH21 1 
ATOM 629 H HH22 . ARG A 1 43 ? 15.963  3.436   5.930   1.00 0.00 ? 43 ARG A HH22 1 
ATOM 630 N N    . GLN A 1 44 ? 8.392   6.635   6.240   1.00 0.00 ? 44 GLN A N    1 
ATOM 631 C CA   . GLN A 1 44 ? 7.922   6.531   7.610   1.00 0.00 ? 44 GLN A CA   1 
ATOM 632 C C    . GLN A 1 44 ? 6.405   6.635   7.613   1.00 0.00 ? 44 GLN A C    1 
ATOM 633 O O    . GLN A 1 44 ? 5.713   5.822   8.226   1.00 0.00 ? 44 GLN A O    1 
ATOM 634 C CB   . GLN A 1 44 ? 8.536   7.617   8.476   1.00 0.00 ? 44 GLN A CB   1 
ATOM 635 C CG   . GLN A 1 44 ? 10.051  7.534   8.569   1.00 0.00 ? 44 GLN A CG   1 
ATOM 636 C CD   . GLN A 1 44 ? 10.640  8.597   9.474   1.00 0.00 ? 44 GLN A CD   1 
ATOM 637 O OE1  . GLN A 1 44 ? 10.488  9.794   9.229   1.00 0.00 ? 44 GLN A OE1  1 
ATOM 638 N NE2  . GLN A 1 44 ? 11.318  8.163   10.531  1.00 0.00 ? 44 GLN A NE2  1 
ATOM 639 H H    . GLN A 1 44 ? 9.033   7.334   5.998   1.00 0.00 ? 44 GLN A H    1 
ATOM 640 H HA   . GLN A 1 44 ? 8.212   5.575   7.991   1.00 0.00 ? 44 GLN A HA   1 
ATOM 641 H HB2  . GLN A 1 44 ? 8.274   8.563   8.058   1.00 0.00 ? 44 GLN A HB2  1 
ATOM 642 H HB3  . GLN A 1 44 ? 8.130   7.545   9.474   1.00 0.00 ? 44 GLN A HB3  1 
ATOM 643 H HG2  . GLN A 1 44 ? 10.322  6.564   8.956   1.00 0.00 ? 44 GLN A HG2  1 
ATOM 644 H HG3  . GLN A 1 44 ? 10.466  7.654   7.579   1.00 0.00 ? 44 GLN A HG3  1 
ATOM 645 H HE21 . GLN A 1 44 ? 11.396  7.195   10.663  1.00 0.00 ? 44 GLN A HE21 1 
ATOM 646 H HE22 . GLN A 1 44 ? 11.710  8.827   11.134  1.00 0.00 ? 44 GLN A HE22 1 
ATOM 647 N N    . GLU A 1 45 ? 5.894   7.614   6.867   1.00 0.00 ? 45 GLU A N    1 
ATOM 648 C CA   . GLU A 1 45 ? 4.463   7.790   6.732   1.00 0.00 ? 45 GLU A CA   1 
ATOM 649 C C    . GLU A 1 45 ? 3.880   6.586   6.011   1.00 0.00 ? 45 GLU A C    1 
ATOM 650 O O    . GLU A 1 45 ? 2.833   6.061   6.388   1.00 0.00 ? 45 GLU A O    1 
ATOM 651 C CB   . GLU A 1 45 ? 4.145   9.071   5.977   1.00 0.00 ? 45 GLU A CB   1 
ATOM 652 C CG   . GLU A 1 45 ? 4.653   10.329  6.660   1.00 0.00 ? 45 GLU A CG   1 
ATOM 653 C CD   . GLU A 1 45 ? 4.302   11.589  5.892   1.00 0.00 ? 45 GLU A CD   1 
ATOM 654 O OE1  . GLU A 1 45 ? 3.667   11.476  4.821   1.00 0.00 ? 45 GLU A OE1  1 
ATOM 655 O OE2  . GLU A 1 45 ? 4.664   12.690  6.359   1.00 0.00 ? 45 GLU A OE2  1 
ATOM 656 H H    . GLU A 1 45 ? 6.496   8.201   6.361   1.00 0.00 ? 45 GLU A H    1 
ATOM 657 H HA   . GLU A 1 45 ? 4.041   7.847   7.707   1.00 0.00 ? 45 GLU A HA   1 
ATOM 658 H HB2  . GLU A 1 45 ? 4.591   9.008   5.009   1.00 0.00 ? 45 GLU A HB2  1 
ATOM 659 H HB3  . GLU A 1 45 ? 3.075   9.156   5.867   1.00 0.00 ? 45 GLU A HB3  1 
ATOM 660 H HG2  . GLU A 1 45 ? 4.215   10.393  7.643   1.00 0.00 ? 45 GLU A HG2  1 
ATOM 661 H HG3  . GLU A 1 45 ? 5.728   10.267  6.747   1.00 0.00 ? 45 GLU A HG3  1 
ATOM 662 N N    . ARG A 1 46 ? 4.587   6.145   4.971   1.00 0.00 ? 46 ARG A N    1 
ATOM 663 C CA   . ARG A 1 46 ? 4.182   5.002   4.194   1.00 0.00 ? 46 ARG A CA   1 
ATOM 664 C C    . ARG A 1 46 ? 4.018   3.782   5.100   1.00 0.00 ? 46 ARG A C    1 
ATOM 665 O O    . ARG A 1 46 ? 3.092   2.996   4.932   1.00 0.00 ? 46 ARG A O    1 
ATOM 666 C CB   . ARG A 1 46 ? 5.208   4.759   3.088   1.00 0.00 ? 46 ARG A CB   1 
ATOM 667 C CG   . ARG A 1 46 ? 5.118   3.391   2.446   1.00 0.00 ? 46 ARG A CG   1 
ATOM 668 C CD   . ARG A 1 46 ? 3.712   3.092   1.984   1.00 0.00 ? 46 ARG A CD   1 
ATOM 669 N NE   . ARG A 1 46 ? 3.628   1.792   1.353   1.00 0.00 ? 46 ARG A NE   1 
ATOM 670 C CZ   . ARG A 1 46 ? 3.865   0.639   1.979   1.00 0.00 ? 46 ARG A CZ   1 
ATOM 671 N NH1  . ARG A 1 46 ? 4.165   0.622   3.270   1.00 0.00 ? 46 ARG A NH1  1 
ATOM 672 N NH2  . ARG A 1 46 ? 3.783   -0.505  1.318   1.00 0.00 ? 46 ARG A NH2  1 
ATOM 673 H H    . ARG A 1 46 ? 5.413   6.600   4.727   1.00 0.00 ? 46 ARG A H    1 
ATOM 674 H HA   . ARG A 1 46 ? 3.238   5.234   3.739   1.00 0.00 ? 46 ARG A HA   1 
ATOM 675 H HB2  . ARG A 1 46 ? 5.064   5.506   2.312   1.00 0.00 ? 46 ARG A HB2  1 
ATOM 676 H HB3  . ARG A 1 46 ? 6.192   4.871   3.506   1.00 0.00 ? 46 ARG A HB3  1 
ATOM 677 H HG2  . ARG A 1 46 ? 5.778   3.359   1.591   1.00 0.00 ? 46 ARG A HG2  1 
ATOM 678 H HG3  . ARG A 1 46 ? 5.422   2.647   3.165   1.00 0.00 ? 46 ARG A HG3  1 
ATOM 679 H HD2  . ARG A 1 46 ? 3.051   3.111   2.836   1.00 0.00 ? 46 ARG A HD2  1 
ATOM 680 H HD3  . ARG A 1 46 ? 3.409   3.848   1.275   1.00 0.00 ? 46 ARG A HD3  1 
ATOM 681 H HE   . ARG A 1 46 ? 3.399   1.778   0.410   1.00 0.00 ? 46 ARG A HE   1 
ATOM 682 H HH11 . ARG A 1 46 ? 4.213   1.476   3.785   1.00 0.00 ? 46 ARG A HH11 1 
ATOM 683 H HH12 . ARG A 1 46 ? 4.345   -0.248  3.729   1.00 0.00 ? 46 ARG A HH12 1 
ATOM 684 H HH21 . ARG A 1 46 ? 3.541   -0.503  0.354   1.00 0.00 ? 46 ARG A HH21 1 
ATOM 685 H HH22 . ARG A 1 46 ? 3.966   -1.370  1.786   1.00 0.00 ? 46 ARG A HH22 1 
ATOM 686 N N    . GLU A 1 47 ? 4.900   3.643   6.089   1.00 0.00 ? 47 GLU A N    1 
ATOM 687 C CA   . GLU A 1 47 ? 4.810   2.543   7.024   1.00 0.00 ? 47 GLU A CA   1 
ATOM 688 C C    . GLU A 1 47 ? 3.466   2.566   7.722   1.00 0.00 ? 47 GLU A C    1 
ATOM 689 O O    . GLU A 1 47 ? 2.869   1.525   7.974   1.00 0.00 ? 47 GLU A O    1 
ATOM 690 C CB   . GLU A 1 47 ? 5.937   2.612   8.028   1.00 0.00 ? 47 GLU A CB   1 
ATOM 691 C CG   . GLU A 1 47 ? 7.296   2.313   7.429   1.00 0.00 ? 47 GLU A CG   1 
ATOM 692 C CD   . GLU A 1 47 ? 8.386   2.207   8.477   1.00 0.00 ? 47 GLU A CD   1 
ATOM 693 O OE1  . GLU A 1 47 ? 8.280   1.324   9.356   1.00 0.00 ? 47 GLU A OE1  1 
ATOM 694 O OE2  . GLU A 1 47 ? 9.343   3.006   8.421   1.00 0.00 ? 47 GLU A OE2  1 
ATOM 695 H H    . GLU A 1 47 ? 5.606   4.305   6.210   1.00 0.00 ? 47 GLU A H    1 
ATOM 696 H HA   . GLU A 1 47 ? 4.891   1.632   6.472   1.00 0.00 ? 47 GLU A HA   1 
ATOM 697 H HB2  . GLU A 1 47 ? 5.959   3.597   8.441   1.00 0.00 ? 47 GLU A HB2  1 
ATOM 698 H HB3  . GLU A 1 47 ? 5.748   1.907   8.809   1.00 0.00 ? 47 GLU A HB3  1 
ATOM 699 H HG2  . GLU A 1 47 ? 7.238   1.379   6.892   1.00 0.00 ? 47 GLU A HG2  1 
ATOM 700 H HG3  . GLU A 1 47 ? 7.553   3.106   6.742   1.00 0.00 ? 47 GLU A HG3  1 
ATOM 701 N N    . GLN A 1 48 ? 2.970   3.764   7.996   1.00 0.00 ? 48 GLN A N    1 
ATOM 702 C CA   . GLN A 1 48 ? 1.667   3.898   8.618   1.00 0.00 ? 48 GLN A CA   1 
ATOM 703 C C    . GLN A 1 48 ? 0.650   3.227   7.733   1.00 0.00 ? 48 GLN A C    1 
ATOM 704 O O    . GLN A 1 48 ? -0.332  2.668   8.212   1.00 0.00 ? 48 GLN A O    1 
ATOM 705 C CB   . GLN A 1 48 ? 1.308   5.358   8.846   1.00 0.00 ? 48 GLN A CB   1 
ATOM 706 C CG   . GLN A 1 48 ? -0.055  5.563   9.487   1.00 0.00 ? 48 GLN A CG   1 
ATOM 707 C CD   . GLN A 1 48 ? -0.401  7.030   9.658   1.00 0.00 ? 48 GLN A CD   1 
ATOM 708 O OE1  . GLN A 1 48 ? -0.463  7.781   8.686   1.00 0.00 ? 48 GLN A OE1  1 
ATOM 709 N NE2  . GLN A 1 48 ? -0.624  7.446   10.900  1.00 0.00 ? 48 GLN A NE2  1 
ATOM 710 H H    . GLN A 1 48 ? 3.471   4.564   7.745   1.00 0.00 ? 48 GLN A H    1 
ATOM 711 H HA   . GLN A 1 48 ? 1.681   3.385   9.554   1.00 0.00 ? 48 GLN A HA   1 
ATOM 712 H HB2  . GLN A 1 48 ? 2.055   5.807   9.482   1.00 0.00 ? 48 GLN A HB2  1 
ATOM 713 H HB3  . GLN A 1 48 ? 1.312   5.851   7.900   1.00 0.00 ? 48 GLN A HB3  1 
ATOM 714 H HG2  . GLN A 1 48 ? -0.805  5.102   8.861   1.00 0.00 ? 48 GLN A HG2  1 
ATOM 715 H HG3  . GLN A 1 48 ? -0.057  5.090   10.458  1.00 0.00 ? 48 GLN A HG3  1 
ATOM 716 H HE21 . GLN A 1 48 ? -0.556  6.791   11.627  1.00 0.00 ? 48 GLN A HE21 1 
ATOM 717 H HE22 . GLN A 1 48 ? -0.848  8.390   11.038  1.00 0.00 ? 48 GLN A HE22 1 
ATOM 718 N N    . GLN A 1 49 ? 0.914   3.235   6.427   1.00 0.00 ? 49 GLN A N    1 
ATOM 719 C CA   . GLN A 1 49 ? 0.033   2.570   5.513   1.00 0.00 ? 49 GLN A CA   1 
ATOM 720 C C    . GLN A 1 49 ? -0.082  1.117   5.918   1.00 0.00 ? 49 GLN A C    1 
ATOM 721 O O    . GLN A 1 49 ? -1.152  0.519   5.826   1.00 0.00 ? 49 GLN A O    1 
ATOM 722 C CB   . GLN A 1 49 ? 0.515   2.685   4.085   1.00 0.00 ? 49 GLN A CB   1 
ATOM 723 C CG   . GLN A 1 49 ? 0.516   4.105   3.561   1.00 0.00 ? 49 GLN A CG   1 
ATOM 724 C CD   . GLN A 1 49 ? 0.384   4.172   2.052   1.00 0.00 ? 49 GLN A CD   1 
ATOM 725 O OE1  . GLN A 1 49 ? 1.163   3.568   1.318   1.00 0.00 ? 49 GLN A OE1  1 
ATOM 726 N NE2  . GLN A 1 49 ? -0.607  4.922   1.583   1.00 0.00 ? 49 GLN A NE2  1 
ATOM 727 H H    . GLN A 1 49 ? 1.729   3.659   6.087   1.00 0.00 ? 49 GLN A H    1 
ATOM 728 H HA   . GLN A 1 49 ? -0.923  3.032   5.596   1.00 0.00 ? 49 GLN A HA   1 
ATOM 729 H HB2  . GLN A 1 49 ? 1.507   2.300   4.031   1.00 0.00 ? 49 GLN A HB2  1 
ATOM 730 H HB3  . GLN A 1 49 ? -0.121  2.096   3.463   1.00 0.00 ? 49 GLN A HB3  1 
ATOM 731 H HG2  . GLN A 1 49 ? -0.312  4.636   4.003   1.00 0.00 ? 49 GLN A HG2  1 
ATOM 732 H HG3  . GLN A 1 49 ? 1.442   4.578   3.851   1.00 0.00 ? 49 GLN A HG3  1 
ATOM 733 H HE21 . GLN A 1 49 ? -1.185  5.380   2.231   1.00 0.00 ? 49 GLN A HE21 1 
ATOM 734 H HE22 . GLN A 1 49 ? -0.719  4.990   0.613   1.00 0.00 ? 49 GLN A HE22 1 
ATOM 735 N N    . ALA A 1 50 ? 1.027   0.556   6.406   1.00 0.00 ? 50 ALA A N    1 
ATOM 736 C CA   . ALA A 1 50 ? 1.008   -0.822  6.863   1.00 0.00 ? 50 ALA A CA   1 
ATOM 737 C C    . ALA A 1 50 ? -0.144  -1.001  7.840   1.00 0.00 ? 50 ALA A C    1 
ATOM 738 O O    . ALA A 1 50 ? -0.823  -2.027  7.833   1.00 0.00 ? 50 ALA A O    1 
ATOM 739 C CB   . ALA A 1 50 ? 2.330   -1.216  7.505   1.00 0.00 ? 50 ALA A CB   1 
ATOM 740 H H    . ALA A 1 50 ? 1.860   1.088   6.484   1.00 0.00 ? 50 ALA A H    1 
ATOM 741 H HA   . ALA A 1 50 ? 0.841   -1.453  6.000   1.00 0.00 ? 50 ALA A HA   1 
ATOM 742 H HB1  . ALA A 1 50 ? 2.647   -0.440  8.184   1.00 0.00 ? 50 ALA A HB1  1 
ATOM 743 H HB2  . ALA A 1 50 ? 3.078   -1.351  6.738   1.00 0.00 ? 50 ALA A HB2  1 
ATOM 744 H HB3  . ALA A 1 50 ? 2.203   -2.138  8.051   1.00 0.00 ? 50 ALA A HB3  1 
ATOM 745 N N    . ALA A 1 51 ? -0.379  0.027   8.666   1.00 0.00 ? 51 ALA A N    1 
ATOM 746 C CA   . ALA A 1 51 ? -1.479  -0.011  9.622   1.00 0.00 ? 51 ALA A CA   1 
ATOM 747 C C    . ALA A 1 51 ? -2.789  -0.228  8.887   1.00 0.00 ? 51 ALA A C    1 
ATOM 748 O O    . ALA A 1 51 ? -3.687  -0.909  9.377   1.00 0.00 ? 51 ALA A O    1 
ATOM 749 C CB   . ALA A 1 51 ? -1.535  1.258   10.456  1.00 0.00 ? 51 ALA A CB   1 
ATOM 750 H H    . ALA A 1 51 ? 0.186   0.835   8.611   1.00 0.00 ? 51 ALA A H    1 
ATOM 751 H HA   . ALA A 1 51 ? -1.314  -0.844  10.279  1.00 0.00 ? 51 ALA A HA   1 
ATOM 752 H HB1  . ALA A 1 51 ? -1.562  2.118   9.806   1.00 0.00 ? 51 ALA A HB1  1 
ATOM 753 H HB2  . ALA A 1 51 ? -0.664  1.311   11.090  1.00 0.00 ? 51 ALA A HB2  1 
ATOM 754 H HB3  . ALA A 1 51 ? -2.425  1.242   11.068  1.00 0.00 ? 51 ALA A HB3  1 
ATOM 755 N N    . ILE A 1 52 ? -2.880  0.340   7.689   1.00 0.00 ? 52 ILE A N    1 
ATOM 756 C CA   . ILE A 1 52 ? -4.070  0.188   6.865   1.00 0.00 ? 52 ILE A CA   1 
ATOM 757 C C    . ILE A 1 52 ? -4.427  -1.287  6.764   1.00 0.00 ? 52 ILE A C    1 
ATOM 758 O O    . ILE A 1 52 ? -5.602  -1.652  6.721   1.00 0.00 ? 52 ILE A O    1 
ATOM 759 C CB   . ILE A 1 52 ? -3.859  0.720   5.435   1.00 0.00 ? 52 ILE A CB   1 
ATOM 760 C CG1  . ILE A 1 52 ? -3.302  2.142   5.438   1.00 0.00 ? 52 ILE A CG1  1 
ATOM 761 C CG2  . ILE A 1 52 ? -5.167  0.674   4.660   1.00 0.00 ? 52 ILE A CG2  1 
ATOM 762 C CD1  . ILE A 1 52 ? -2.743  2.552   4.090   1.00 0.00 ? 52 ILE A CD1  1 
ATOM 763 H H    . ILE A 1 52 ? -2.123  0.862   7.352   1.00 0.00 ? 52 ILE A H    1 
ATOM 764 H HA   . ILE A 1 52 ? -4.884  0.727   7.328   1.00 0.00 ? 52 ILE A HA   1 
ATOM 765 H HB   . ILE A 1 52 ? -3.159  0.068   4.938   1.00 0.00 ? 52 ILE A HB   1 
ATOM 766 H HG12 . ILE A 1 52 ? -4.092  2.834   5.696   1.00 0.00 ? 52 ILE A HG12 1 
ATOM 767 H HG13 . ILE A 1 52 ? -2.511  2.216   6.168   1.00 0.00 ? 52 ILE A HG13 1 
ATOM 768 H HG21 . ILE A 1 52 ? -5.199  1.496   3.961   1.00 0.00 ? 52 ILE A HG21 1 
ATOM 769 H HG22 . ILE A 1 52 ? -5.996  0.754   5.348   1.00 0.00 ? 52 ILE A HG22 1 
ATOM 770 H HG23 . ILE A 1 52 ? -5.235  -0.260  4.121   1.00 0.00 ? 52 ILE A HG23 1 
ATOM 771 H HD11 . ILE A 1 52 ? -2.560  1.671   3.496   1.00 0.00 ? 52 ILE A HD11 1 
ATOM 772 H HD12 . ILE A 1 52 ? -1.825  3.093   4.223   1.00 0.00 ? 52 ILE A HD12 1 
ATOM 773 H HD13 . ILE A 1 52 ? -3.447  3.179   3.587   1.00 0.00 ? 52 ILE A HD13 1 
ATOM 774 N N    . GLN A 1 53 ? -3.399  -2.143  6.746   1.00 0.00 ? 53 GLN A N    1 
ATOM 775 C CA   . GLN A 1 53 ? -3.608  -3.573  6.676   1.00 0.00 ? 53 GLN A CA   1 
ATOM 776 C C    . GLN A 1 53 ? -4.599  -3.996  7.737   1.00 0.00 ? 53 GLN A C    1 
ATOM 777 O O    . GLN A 1 53 ? -5.495  -4.803  7.490   1.00 0.00 ? 53 GLN A O    1 
ATOM 778 C CB   . GLN A 1 53 ? -2.293  -4.292  6.864   1.00 0.00 ? 53 GLN A CB   1 
ATOM 779 C CG   . GLN A 1 53 ? -1.284  -4.003  5.772   1.00 0.00 ? 53 GLN A CG   1 
ATOM 780 C CD   . GLN A 1 53 ? 0.001   -4.798  5.938   1.00 0.00 ? 53 GLN A CD   1 
ATOM 781 O OE1  . GLN A 1 53 ? -0.011  -6.027  5.945   1.00 0.00 ? 53 GLN A OE1  1 
ATOM 782 N NE2  . GLN A 1 53 ? 1.113   -4.096  6.089   1.00 0.00 ? 53 GLN A NE2  1 
ATOM 783 H H    . GLN A 1 53 ? -2.479  -1.803  6.797   1.00 0.00 ? 53 GLN A H    1 
ATOM 784 H HA   . GLN A 1 53 ? -3.999  -3.806  5.718   1.00 0.00 ? 53 GLN A HA   1 
ATOM 785 H HB2  . GLN A 1 53 ? -1.876  -3.987  7.799   1.00 0.00 ? 53 GLN A HB2  1 
ATOM 786 H HB3  . GLN A 1 53 ? -2.475  -5.345  6.887   1.00 0.00 ? 53 GLN A HB3  1 
ATOM 787 H HG2  . GLN A 1 53 ? -1.728  -4.252  4.819   1.00 0.00 ? 53 GLN A HG2  1 
ATOM 788 H HG3  . GLN A 1 53 ? -1.046  -2.949  5.791   1.00 0.00 ? 53 GLN A HG3  1 
ATOM 789 H HE21 . GLN A 1 53 ? 1.046   -3.123  6.090   1.00 0.00 ? 53 GLN A HE21 1 
ATOM 790 H HE22 . GLN A 1 53 ? 1.958   -4.580  6.181   1.00 0.00 ? 53 GLN A HE22 1 
ATOM 791 N N    . LEU A 1 54 ? -4.457  -3.398  8.908   1.00 0.00 ? 54 LEU A N    1 
ATOM 792 C CA   . LEU A 1 54 ? -5.364  -3.658  10.004  1.00 0.00 ? 54 LEU A CA   1 
ATOM 793 C C    . LEU A 1 54 ? -6.763  -3.260  9.572   1.00 0.00 ? 54 LEU A C    1 
ATOM 794 O O    . LEU A 1 54 ? -7.733  -3.983  9.799   1.00 0.00 ? 54 LEU A O    1 
ATOM 795 C CB   . LEU A 1 54 ? -4.939  -2.890  11.244  1.00 0.00 ? 54 LEU A CB   1 
ATOM 796 C CG   . LEU A 1 54 ? -3.659  -3.391  11.921  1.00 0.00 ? 54 LEU A CG   1 
ATOM 797 C CD1  . LEU A 1 54 ? -2.490  -3.381  10.948  1.00 0.00 ? 54 LEU A CD1  1 
ATOM 798 C CD2  . LEU A 1 54 ? -3.343  -2.546  13.147  1.00 0.00 ? 54 LEU A CD2  1 
ATOM 799 H H    . LEU A 1 54 ? -3.749  -2.736  9.021   1.00 0.00 ? 54 LEU A H    1 
ATOM 800 H HA   . LEU A 1 54 ? -5.342  -4.703  10.216  1.00 0.00 ? 54 LEU A HA   1 
ATOM 801 H HB2  . LEU A 1 54 ? -4.796  -1.871  10.960  1.00 0.00 ? 54 LEU A HB2  1 
ATOM 802 H HB3  . LEU A 1 54 ? -5.740  -2.936  11.961  1.00 0.00 ? 54 LEU A HB3  1 
ATOM 803 H HG   . LEU A 1 54 ? -3.811  -4.409  12.248  1.00 0.00 ? 54 LEU A HG   1 
ATOM 804 H HD11 . LEU A 1 54 ? -2.434  -2.417  10.465  1.00 0.00 ? 54 LEU A HD11 1 
ATOM 805 H HD12 . LEU A 1 54 ? -2.635  -4.149  10.203  1.00 0.00 ? 54 LEU A HD12 1 
ATOM 806 H HD13 . LEU A 1 54 ? -1.572  -3.569  11.485  1.00 0.00 ? 54 LEU A HD13 1 
ATOM 807 H HD21 . LEU A 1 54 ? -3.898  -1.621  13.101  1.00 0.00 ? 54 LEU A HD21 1 
ATOM 808 H HD22 . LEU A 1 54 ? -2.284  -2.329  13.172  1.00 0.00 ? 54 LEU A HD22 1 
ATOM 809 H HD23 . LEU A 1 54 ? -3.619  -3.088  14.039  1.00 0.00 ? 54 LEU A HD23 1 
ATOM 810 N N    . GLU A 1 55 ? -6.843  -2.112  8.902   1.00 0.00 ? 55 GLU A N    1 
ATOM 811 C CA   . GLU A 1 55 ? -8.095  -1.619  8.375   1.00 0.00 ? 55 GLU A CA   1 
ATOM 812 C C    . GLU A 1 55 ? -8.648  -2.607  7.350   1.00 0.00 ? 55 GLU A C    1 
ATOM 813 O O    . GLU A 1 55 ? -9.845  -2.894  7.324   1.00 0.00 ? 55 GLU A O    1 
ATOM 814 C CB   . GLU A 1 55 ? -7.878  -0.245  7.744   1.00 0.00 ? 55 GLU A CB   1 
ATOM 815 C CG   . GLU A 1 55 ? -8.715  0.858   8.372   1.00 0.00 ? 55 GLU A CG   1 
ATOM 816 C CD   . GLU A 1 55 ? -10.205 0.602   8.250   1.00 0.00 ? 55 GLU A CD   1 
ATOM 817 O OE1  . GLU A 1 55 ? -10.698 0.501   7.107   1.00 0.00 ? 55 GLU A OE1  1 
ATOM 818 O OE2  . GLU A 1 55 ? -10.878 0.502   9.298   1.00 0.00 ? 55 GLU A OE2  1 
ATOM 819 H H    . GLU A 1 55 ? -6.024  -1.600  8.722   1.00 0.00 ? 55 GLU A H    1 
ATOM 820 H HA   . GLU A 1 55 ? -8.790  -1.529  9.192   1.00 0.00 ? 55 GLU A HA   1 
ATOM 821 H HB2  . GLU A 1 55 ? -6.838  0.020   7.854   1.00 0.00 ? 55 GLU A HB2  1 
ATOM 822 H HB3  . GLU A 1 55 ? -8.111  -0.301  6.697   1.00 0.00 ? 55 GLU A HB3  1 
ATOM 823 H HG2  . GLU A 1 55 ? -8.463  0.930   9.420   1.00 0.00 ? 55 GLU A HG2  1 
ATOM 824 H HG3  . GLU A 1 55 ? -8.484  1.791   7.881   1.00 0.00 ? 55 GLU A HG3  1 
ATOM 825 N N    . ARG A 1 56 ? -7.752  -3.129  6.512   1.00 0.00 ? 56 ARG A N    1 
ATOM 826 C CA   . ARG A 1 56 ? -8.121  -4.096  5.486   1.00 0.00 ? 56 ARG A CA   1 
ATOM 827 C C    . ARG A 1 56 ? -8.639  -5.384  6.119   1.00 0.00 ? 56 ARG A C    1 
ATOM 828 O O    . ARG A 1 56 ? -9.540  -6.030  5.587   1.00 0.00 ? 56 ARG A O    1 
ATOM 829 C CB   . ARG A 1 56 ? -6.915  -4.377  4.585   1.00 0.00 ? 56 ARG A CB   1 
ATOM 830 C CG   . ARG A 1 56 ? -6.320  -3.118  3.964   1.00 0.00 ? 56 ARG A CG   1 
ATOM 831 C CD   . ARG A 1 56 ? -7.179  -2.573  2.829   1.00 0.00 ? 56 ARG A CD   1 
ATOM 832 N NE   . ARG A 1 56 ? -7.265  -1.112  2.846   1.00 0.00 ? 56 ARG A NE   1 
ATOM 833 C CZ   . ARG A 1 56 ? -8.016  -0.422  3.703   1.00 0.00 ? 56 ARG A CZ   1 
ATOM 834 N NH1  . ARG A 1 56 ? -8.796  -1.048  4.570   1.00 0.00 ? 56 ARG A NH1  1 
ATOM 835 N NH2  . ARG A 1 56 ? -8.008  0.900   3.675   1.00 0.00 ? 56 ARG A NH2  1 
ATOM 836 H H    . ARG A 1 56 ? -6.810  -2.863  6.593   1.00 0.00 ? 56 ARG A H    1 
ATOM 837 H HA   . ARG A 1 56 ? -8.910  -3.665  4.893   1.00 0.00 ? 56 ARG A HA   1 
ATOM 838 H HB2  . ARG A 1 56 ? -6.149  -4.863  5.171   1.00 0.00 ? 56 ARG A HB2  1 
ATOM 839 H HB3  . ARG A 1 56 ? -7.222  -5.038  3.788   1.00 0.00 ? 56 ARG A HB3  1 
ATOM 840 H HG2  . ARG A 1 56 ? -6.232  -2.360  4.727   1.00 0.00 ? 56 ARG A HG2  1 
ATOM 841 H HG3  . ARG A 1 56 ? -5.339  -3.352  3.577   1.00 0.00 ? 56 ARG A HG3  1 
ATOM 842 H HD2  . ARG A 1 56 ? -6.743  -2.879  1.889   1.00 0.00 ? 56 ARG A HD2  1 
ATOM 843 H HD3  . ARG A 1 56 ? -8.173  -2.986  2.915   1.00 0.00 ? 56 ARG A HD3  1 
ATOM 844 H HE   . ARG A 1 56 ? -6.726  -0.621  2.194   1.00 0.00 ? 56 ARG A HE   1 
ATOM 845 H HH11 . ARG A 1 56 ? -8.827  -2.041  4.585   1.00 0.00 ? 56 ARG A HH11 1 
ATOM 846 H HH12 . ARG A 1 56 ? -9.355  -0.522  5.212   1.00 0.00 ? 56 ARG A HH12 1 
ATOM 847 H HH21 . ARG A 1 56 ? -7.439  1.384   3.011   1.00 0.00 ? 56 ARG A HH21 1 
ATOM 848 H HH22 . ARG A 1 56 ? -8.573  1.416   4.320   1.00 0.00 ? 56 ARG A HH22 1 
ATOM 849 N N    . ALA A 1 57 ? -8.065  -5.741  7.264   1.00 0.00 ? 57 ALA A N    1 
ATOM 850 C CA   . ALA A 1 57 ? -8.470  -6.945  7.983   1.00 0.00 ? 57 ALA A CA   1 
ATOM 851 C C    . ALA A 1 57 ? -9.966  -6.923  8.288   1.00 0.00 ? 57 ALA A C    1 
ATOM 852 O O    . ALA A 1 57 ? -10.609 -7.970  8.367   1.00 0.00 ? 57 ALA A O    1 
ATOM 853 C CB   . ALA A 1 57 ? -7.666  -7.089  9.267   1.00 0.00 ? 57 ALA A CB   1 
ATOM 854 H H    . ALA A 1 57 ? -7.355  -5.179  7.638   1.00 0.00 ? 57 ALA A H    1 
ATOM 855 H HA   . ALA A 1 57 ? -8.256  -7.796  7.355   1.00 0.00 ? 57 ALA A HA   1 
ATOM 856 H HB1  . ALA A 1 57 ? -7.231  -6.135  9.527   1.00 0.00 ? 57 ALA A HB1  1 
ATOM 857 H HB2  . ALA A 1 57 ? -6.878  -7.813  9.119   1.00 0.00 ? 57 ALA A HB2  1 
ATOM 858 H HB3  . ALA A 1 57 ? -8.314  -7.418  10.065  1.00 0.00 ? 57 ALA A HB3  1 
ATOM 859 N N    . LYS A 1 58 ? -10.513 -5.721  8.461   1.00 0.00 ? 58 LYS A N    1 
ATOM 860 C CA   . LYS A 1 58 ? -11.925 -5.556  8.753   1.00 0.00 ? 58 LYS A CA   1 
ATOM 861 C C    . LYS A 1 58 ? -12.795 -6.063  7.600   1.00 0.00 ? 58 LYS A C    1 
ATOM 862 O O    . LYS A 1 58 ? -14.004 -6.240  7.756   1.00 0.00 ? 58 LYS A O    1 
ATOM 863 C CB   . LYS A 1 58 ? -12.197 -4.079  9.025   1.00 0.00 ? 58 LYS A CB   1 
ATOM 864 C CG   . LYS A 1 58 ? -13.664 -3.710  9.117   1.00 0.00 ? 58 LYS A CG   1 
ATOM 865 C CD   . LYS A 1 58 ? -13.819 -2.205  9.152   1.00 0.00 ? 58 LYS A CD   1 
ATOM 866 C CE   . LYS A 1 58 ? -13.453 -1.637  10.516  1.00 0.00 ? 58 LYS A CE   1 
ATOM 867 N NZ   . LYS A 1 58 ? -14.362 -2.132  11.588  1.00 0.00 ? 58 LYS A NZ   1 
ATOM 868 H H    . LYS A 1 58 ? -9.952  -4.918  8.386   1.00 0.00 ? 58 LYS A H    1 
ATOM 869 H HA   . LYS A 1 58 ? -12.151 -6.126  9.638   1.00 0.00 ? 58 LYS A HA   1 
ATOM 870 H HB2  . LYS A 1 58 ? -11.727 -3.808  9.957   1.00 0.00 ? 58 LYS A HB2  1 
ATOM 871 H HB3  . LYS A 1 58 ? -11.755 -3.495  8.230   1.00 0.00 ? 58 LYS A HB3  1 
ATOM 872 H HG2  . LYS A 1 58 ? -14.184 -4.100  8.255   1.00 0.00 ? 58 LYS A HG2  1 
ATOM 873 H HG3  . LYS A 1 58 ? -14.079 -4.130  10.019  1.00 0.00 ? 58 LYS A HG3  1 
ATOM 874 H HD2  . LYS A 1 58 ? -13.155 -1.781  8.412   1.00 0.00 ? 58 LYS A HD2  1 
ATOM 875 H HD3  . LYS A 1 58 ? -14.840 -1.947  8.920   1.00 0.00 ? 58 LYS A HD3  1 
ATOM 876 H HE2  . LYS A 1 58 ? -12.441 -1.927  10.753  1.00 0.00 ? 58 LYS A HE2  1 
ATOM 877 H HE3  . LYS A 1 58 ? -13.516 -0.559  10.472  1.00 0.00 ? 58 LYS A HE3  1 
ATOM 878 H HZ1  . LYS A 1 58 ? -14.892 -1.338  12.004  1.00 0.00 ? 58 LYS A HZ1  1 
ATOM 879 H HZ2  . LYS A 1 58 ? -13.812 -2.595  12.339  1.00 0.00 ? 58 LYS A HZ2  1 
ATOM 880 H HZ3  . LYS A 1 58 ? -15.037 -2.820  11.196  1.00 0.00 ? 58 LYS A HZ3  1 
ATOM 881 N N    . SER A 1 59 ? -12.177 -6.297  6.445   1.00 0.00 ? 59 SER A N    1 
ATOM 882 C CA   . SER A 1 59 ? -12.898 -6.785  5.277   1.00 0.00 ? 59 SER A CA   1 
ATOM 883 C C    . SER A 1 59 ? -13.426 -8.196  5.513   1.00 0.00 ? 59 SER A C    1 
ATOM 884 O O    . SER A 1 59 ? -12.702 -9.064  6.002   1.00 0.00 ? 59 SER A O    1 
ATOM 885 C CB   . SER A 1 59 ? -11.988 -6.767  4.047   1.00 0.00 ? 59 SER A CB   1 
ATOM 886 O OG   . SER A 1 59 ? -12.682 -7.207  2.893   1.00 0.00 ? 59 SER A OG   1 
ATOM 887 H H    . SER A 1 59 ? -11.215 -6.138  6.374   1.00 0.00 ? 59 SER A H    1 
ATOM 888 H HA   . SER A 1 59 ? -13.734 -6.126  5.105   1.00 0.00 ? 59 SER A HA   1 
ATOM 889 H HB2  . SER A 1 59 ? -11.636 -5.760  3.876   1.00 0.00 ? 59 SER A HB2  1 
ATOM 890 H HB3  . SER A 1 59 ? -11.144 -7.419  4.218   1.00 0.00 ? 59 SER A HB3  1 
ATOM 891 H HG   . SER A 1 59 ? -12.275 -8.010  2.560   1.00 0.00 ? 59 SER A HG   1 
ATOM 892 N N    . LYS A 1 60 ? -14.693 -8.412  5.171   1.00 0.00 ? 60 LYS A N    1 
ATOM 893 C CA   . LYS A 1 60 ? -15.335 -9.706  5.340   1.00 0.00 ? 60 LYS A CA   1 
ATOM 894 C C    . LYS A 1 60 ? -15.468 -10.452 4.007   1.00 0.00 ? 60 LYS A C    1 
ATOM 895 O O    . LYS A 1 60 ? -16.581 -10.666 3.525   1.00 0.00 ? 60 LYS A O    1 
ATOM 896 C CB   . LYS A 1 60 ? -16.712 -9.527  5.981   1.00 0.00 ? 60 LYS A CB   1 
ATOM 897 C CG   . LYS A 1 60 ? -16.671 -8.798  7.313   1.00 0.00 ? 60 LYS A CG   1 
ATOM 898 C CD   . LYS A 1 60 ? -15.848 -9.557  8.342   1.00 0.00 ? 60 LYS A CD   1 
ATOM 899 C CE   . LYS A 1 60 ? -15.740 -8.784  9.648   1.00 0.00 ? 60 LYS A CE   1 
ATOM 900 N NZ   . LYS A 1 60 ? -17.074 -8.537  10.263  1.00 0.00 ? 60 LYS A NZ   1 
ATOM 901 H H    . LYS A 1 60 ? -15.211 -7.680  4.796   1.00 0.00 ? 60 LYS A H    1 
ATOM 902 H HA   . LYS A 1 60 ? -14.717 -10.285 6.000   1.00 0.00 ? 60 LYS A HA   1 
ATOM 903 H HB2  . LYS A 1 60 ? -17.340 -8.965  5.304   1.00 0.00 ? 60 LYS A HB2  1 
ATOM 904 H HB3  . LYS A 1 60 ? -17.152 -10.501 6.140   1.00 0.00 ? 60 LYS A HB3  1 
ATOM 905 H HG2  . LYS A 1 60 ? -16.231 -7.822  7.163   1.00 0.00 ? 60 LYS A HG2  1 
ATOM 906 H HG3  . LYS A 1 60 ? -17.680 -8.686  7.680   1.00 0.00 ? 60 LYS A HG3  1 
ATOM 907 H HD2  . LYS A 1 60 ? -16.321 -10.508 8.536   1.00 0.00 ? 60 LYS A HD2  1 
ATOM 908 H HD3  . LYS A 1 60 ? -14.857 -9.719  7.946   1.00 0.00 ? 60 LYS A HD3  1 
ATOM 909 H HE2  . LYS A 1 60 ? -15.136 -9.353  10.338  1.00 0.00 ? 60 LYS A HE2  1 
ATOM 910 H HE3  . LYS A 1 60 ? -15.262 -7.835  9.450   1.00 0.00 ? 60 LYS A HE3  1 
ATOM 911 H HZ1  . LYS A 1 60 ? -17.163 -7.536  10.533  1.00 0.00 ? 60 LYS A HZ1  1 
ATOM 912 H HZ2  . LYS A 1 60 ? -17.188 -9.122  11.113  1.00 0.00 ? 60 LYS A HZ2  1 
ATOM 913 H HZ3  . LYS A 1 60 ? -17.831 -8.776  9.589   1.00 0.00 ? 60 LYS A HZ3  1 
ATOM 914 N N    . PRO A 1 61 ? -14.347 -10.855 3.385   1.00 0.00 ? 61 PRO A N    1 
ATOM 915 C CA   . PRO A 1 61 ? -14.378 -11.574 2.108   1.00 0.00 ? 61 PRO A CA   1 
ATOM 916 C C    . PRO A 1 61 ? -15.062 -12.932 2.226   1.00 0.00 ? 61 PRO A C    1 
ATOM 917 O O    . PRO A 1 61 ? -14.948 -13.560 3.299   1.00 0.00 ? 61 PRO A O    1 
ATOM 918 C CB   . PRO A 1 61 ? -12.899 -11.748 1.747   1.00 0.00 ? 61 PRO A CB   1 
ATOM 919 C CG   . PRO A 1 61 ? -12.168 -11.608 3.037   1.00 0.00 ? 61 PRO A CG   1 
ATOM 920 C CD   . PRO A 1 61 ? -12.973 -10.654 3.871   1.00 0.00 ? 61 PRO A CD   1 
ATOM 921 O OXT  . PRO A 1 61 ? -15.709 -13.356 1.245   1.00 0.00 ? 61 PRO A OXT  1 
ATOM 922 H HA   . PRO A 1 61 ? -14.873 -10.996 1.344   1.00 0.00 ? 61 PRO A HA   1 
ATOM 923 H HB2  . PRO A 1 61 ? -12.745 -12.724 1.311   1.00 0.00 ? 61 PRO A HB2  1 
ATOM 924 H HB3  . PRO A 1 61 ? -12.605 -10.983 1.042   1.00 0.00 ? 61 PRO A HB3  1 
ATOM 925 H HG2  . PRO A 1 61 ? -12.100 -12.567 3.526   1.00 0.00 ? 61 PRO A HG2  1 
ATOM 926 H HG3  . PRO A 1 61 ? -11.181 -11.207 2.857   1.00 0.00 ? 61 PRO A HG3  1 
ATOM 927 H HD2  . PRO A 1 61 ? -12.893 -10.909 4.917   1.00 0.00 ? 61 PRO A HD2  1 
ATOM 928 H HD3  . PRO A 1 61 ? -12.648 -9.638  3.702   1.00 0.00 ? 61 PRO A HD3  1 
# 
